data_7KLJ
#
_entry.id   7KLJ
#
_cell.length_a   55.275
_cell.length_b   67.067
_cell.length_c   79.880
_cell.angle_alpha   90.000
_cell.angle_beta   94.430
_cell.angle_gamma   90.000
#
_symmetry.space_group_name_H-M   'P 1 21 1'
#
loop_
_entity.id
_entity.type
_entity.pdbx_description
1 polymer 'Isoform 2 of Kinesin-like protein KIF21A'
2 non-polymer 1,2-ETHANEDIOL
3 non-polymer 'UNKNOWN ATOM OR ION'
4 water water
#
_entity_poly.entity_id   1
_entity_poly.type   'polypeptide(L)'
_entity_poly.pdbx_seq_one_letter_code
;MHHHHHHSSGRENLYFQGLQCIHIAEGHTKAVLCVDSTDDLLFTGSKDRTCKVWNLVTGQEIMSLGGHPNNVVSVKYCNY
TSLVFTVSTSYIKVWDIRDSAKCIRTLTSSGQVTLGDACSASTSRTVAIPSGENQINQIALNPTGTFLYAASGNAVRMWD
LKRFQSTGKLTGHLGPVMCLTVDQISSGQDLIITGSKDHYIKMFDVTEGALGTVSPTHNFEPPHYDGIEALTIQGDNLFS
GSRDNGIKKWDLTQKDLLQQVPNAHKDWVCALGVVPDHPVLLSGCRGGILKVWNMDTFMPVGEMKGHDSPINAICVNSTH
IFTAADDRTVRIWKA
;
_entity_poly.pdbx_strand_id   A,B
#
loop_
_chem_comp.id
_chem_comp.type
_chem_comp.name
_chem_comp.formula
EDO non-polymer 1,2-ETHANEDIOL 'C2 H6 O2'
UNX non-polymer 'UNKNOWN ATOM OR ION' ?
#
# COMPACT_ATOMS: atom_id res chain seq x y z
N GLU A 12 4.15 2.68 44.54
CA GLU A 12 3.27 3.75 44.01
C GLU A 12 2.84 3.39 42.58
N ASN A 13 3.72 3.60 41.59
CA ASN A 13 3.40 3.43 40.15
C ASN A 13 4.38 2.42 39.52
N LEU A 14 3.91 1.23 39.19
CA LEU A 14 4.71 0.13 38.61
C LEU A 14 4.65 0.18 37.08
N TYR A 15 3.75 0.98 36.51
CA TYR A 15 3.53 1.05 35.06
C TYR A 15 4.73 1.74 34.38
N PHE A 16 4.77 1.64 33.07
CA PHE A 16 5.76 2.34 32.21
C PHE A 16 5.76 3.82 32.55
N GLN A 17 6.95 4.40 32.76
CA GLN A 17 7.14 5.85 32.97
C GLN A 17 7.97 6.41 31.81
N GLY A 18 9.14 5.85 31.59
CA GLY A 18 10.05 6.34 30.55
C GLY A 18 11.19 5.40 30.34
N LEU A 19 12.06 5.74 29.40
CA LEU A 19 13.28 4.98 29.10
C LEU A 19 14.48 5.74 29.64
N GLN A 20 15.43 5.00 30.21
CA GLN A 20 16.72 5.57 30.68
C GLN A 20 17.83 4.89 29.88
N CYS A 21 18.76 5.69 29.37
CA CYS A 21 19.95 5.16 28.69
C CYS A 21 20.96 4.72 29.75
N ILE A 22 21.30 3.44 29.74
CA ILE A 22 22.18 2.84 30.79
C ILE A 22 23.59 2.65 30.27
N HIS A 23 23.80 2.71 28.96
CA HIS A 23 25.13 2.44 28.36
C HIS A 23 25.13 2.89 26.91
N ILE A 24 26.30 3.33 26.44
CA ILE A 24 26.53 3.65 25.02
C ILE A 24 27.59 2.69 24.47
N ALA A 25 27.26 1.92 23.44
CA ALA A 25 28.20 1.04 22.72
C ALA A 25 28.90 1.85 21.64
N GLU A 26 30.19 2.09 21.83
CA GLU A 26 31.03 2.93 20.95
C GLU A 26 32.13 2.07 20.33
N GLY A 27 32.50 2.37 19.10
CA GLY A 27 33.61 1.66 18.43
C GLY A 27 33.52 1.77 16.94
N HIS A 28 32.32 1.73 16.37
CA HIS A 28 32.17 1.96 14.91
C HIS A 28 32.76 3.33 14.56
N THR A 29 33.33 3.45 13.36
CA THR A 29 33.94 4.73 12.90
C THR A 29 32.95 5.54 12.06
N LYS A 30 31.77 4.99 11.74
CA LYS A 30 30.76 5.67 10.91
C LYS A 30 29.38 5.27 11.46
N ALA A 31 28.35 5.85 10.87
CA ALA A 31 26.94 5.65 11.24
C ALA A 31 26.65 4.16 11.48
N VAL A 32 25.85 3.90 12.50
CA VAL A 32 25.31 2.54 12.75
C VAL A 32 23.92 2.49 12.12
N LEU A 33 23.76 1.64 11.13
CA LEU A 33 22.53 1.55 10.30
C LEU A 33 21.55 0.50 10.83
N CYS A 34 22.03 -0.51 11.56
CA CYS A 34 21.17 -1.66 11.91
C CYS A 34 21.69 -2.33 13.17
N VAL A 35 20.78 -2.97 13.89
N VAL A 35 20.81 -3.05 13.85
CA VAL A 35 21.05 -3.68 15.17
CA VAL A 35 21.13 -3.67 15.17
C VAL A 35 20.21 -4.95 15.22
C VAL A 35 20.18 -4.86 15.39
N ASP A 36 20.72 -5.94 15.96
CA ASP A 36 19.95 -7.13 16.37
C ASP A 36 20.47 -7.54 17.74
N SER A 37 19.64 -8.17 18.55
CA SER A 37 20.05 -8.54 19.92
C SER A 37 19.40 -9.84 20.34
N THR A 38 20.17 -10.65 21.06
CA THR A 38 19.64 -11.67 21.97
C THR A 38 19.78 -11.14 23.39
N ASP A 39 19.55 -11.99 24.39
CA ASP A 39 19.76 -11.58 25.80
C ASP A 39 21.26 -11.62 26.12
N ASP A 40 22.09 -12.17 25.24
CA ASP A 40 23.54 -12.34 25.52
C ASP A 40 24.42 -11.54 24.56
N LEU A 41 23.95 -11.28 23.33
CA LEU A 41 24.78 -10.74 22.24
C LEU A 41 24.09 -9.58 21.57
N LEU A 42 24.87 -8.58 21.19
CA LEU A 42 24.42 -7.44 20.36
C LEU A 42 25.17 -7.49 19.04
N PHE A 43 24.49 -7.18 17.95
CA PHE A 43 25.02 -7.14 16.58
C PHE A 43 24.74 -5.77 16.02
N THR A 44 25.76 -5.10 15.49
CA THR A 44 25.66 -3.72 14.96
C THR A 44 26.24 -3.71 13.56
N GLY A 45 25.55 -3.12 12.60
CA GLY A 45 26.06 -2.98 11.22
C GLY A 45 26.20 -1.51 10.90
N SER A 46 27.29 -1.15 10.20
CA SER A 46 27.70 0.25 10.03
C SER A 46 28.07 0.60 8.57
N LYS A 47 28.05 1.90 8.30
CA LYS A 47 28.63 2.47 7.05
C LYS A 47 30.14 2.17 7.02
N ASP A 48 30.74 1.77 8.15
CA ASP A 48 32.20 1.45 8.18
C ASP A 48 32.48 0.06 7.59
N ARG A 49 31.47 -0.61 7.02
CA ARG A 49 31.60 -1.86 6.22
C ARG A 49 31.81 -3.07 7.13
N THR A 50 31.44 -2.94 8.41
CA THR A 50 31.57 -4.04 9.39
C THR A 50 30.28 -4.25 10.15
N CYS A 51 30.15 -5.47 10.66
CA CYS A 51 29.24 -5.80 11.74
C CYS A 51 30.08 -6.14 12.98
N LYS A 52 29.79 -5.50 14.11
CA LYS A 52 30.44 -5.85 15.39
C LYS A 52 29.50 -6.76 16.17
N VAL A 53 30.10 -7.74 16.82
CA VAL A 53 29.44 -8.65 17.78
C VAL A 53 29.89 -8.23 19.18
N TRP A 54 28.95 -8.00 20.09
CA TRP A 54 29.25 -7.46 21.44
C TRP A 54 28.67 -8.41 22.48
N ASN A 55 29.43 -8.62 23.54
CA ASN A 55 28.98 -9.35 24.75
C ASN A 55 28.09 -8.37 25.52
N LEU A 56 26.78 -8.64 25.63
CA LEU A 56 25.88 -7.69 26.32
C LEU A 56 26.08 -7.70 27.85
N VAL A 57 26.69 -8.72 28.42
CA VAL A 57 26.97 -8.78 29.87
C VAL A 57 28.07 -7.75 30.20
N THR A 58 29.12 -7.66 29.37
CA THR A 58 30.34 -6.86 29.65
C THR A 58 30.39 -5.57 28.82
N GLY A 59 29.66 -5.50 27.71
CA GLY A 59 29.75 -4.41 26.74
C GLY A 59 30.98 -4.53 25.84
N GLN A 60 31.77 -5.60 25.95
CA GLN A 60 33.02 -5.77 25.17
C GLN A 60 32.67 -6.19 23.74
N GLU A 61 33.38 -5.63 22.76
CA GLU A 61 33.36 -6.15 21.38
C GLU A 61 34.06 -7.52 21.37
N ILE A 62 33.37 -8.54 20.84
N ILE A 62 33.40 -8.54 20.86
CA ILE A 62 33.77 -9.98 20.74
CA ILE A 62 33.94 -9.93 20.78
C ILE A 62 34.51 -10.21 19.43
C ILE A 62 34.64 -10.09 19.43
N MET A 63 34.01 -9.64 18.35
CA MET A 63 34.62 -9.79 17.02
C MET A 63 34.00 -8.81 16.04
N SER A 64 34.71 -8.65 14.95
CA SER A 64 34.36 -7.77 13.82
C SER A 64 34.17 -8.62 12.58
N LEU A 65 33.02 -8.47 11.93
CA LEU A 65 32.69 -9.20 10.69
C LEU A 65 32.83 -8.21 9.52
N GLY A 66 33.88 -8.38 8.74
CA GLY A 66 34.27 -7.44 7.68
C GLY A 66 34.11 -8.00 6.28
N GLY A 67 34.90 -7.47 5.36
CA GLY A 67 34.86 -7.87 3.95
C GLY A 67 33.53 -7.53 3.29
N HIS A 68 32.92 -6.39 3.64
CA HIS A 68 31.68 -5.95 2.96
C HIS A 68 32.03 -4.91 1.92
N PRO A 69 31.44 -4.97 0.73
CA PRO A 69 31.80 -4.01 -0.31
C PRO A 69 31.36 -2.58 0.01
N ASN A 70 30.37 -2.42 0.90
CA ASN A 70 29.79 -1.11 1.19
C ASN A 70 29.12 -1.15 2.57
N ASN A 71 28.14 -0.28 2.78
CA ASN A 71 27.40 -0.21 4.06
C ASN A 71 26.85 -1.58 4.44
N VAL A 72 26.83 -1.86 5.74
CA VAL A 72 26.09 -3.03 6.28
C VAL A 72 24.72 -2.55 6.73
N VAL A 73 23.69 -2.87 5.96
CA VAL A 73 22.36 -2.21 6.06
C VAL A 73 21.39 -3.02 6.92
N SER A 74 21.66 -4.31 7.14
CA SER A 74 20.76 -5.21 7.88
C SER A 74 21.61 -6.32 8.48
N VAL A 75 21.32 -6.72 9.72
N VAL A 75 21.32 -6.68 9.73
CA VAL A 75 22.03 -7.84 10.40
CA VAL A 75 21.97 -7.85 10.39
C VAL A 75 21.01 -8.60 11.25
C VAL A 75 20.92 -8.61 11.18
N LYS A 76 21.03 -9.93 11.15
CA LYS A 76 20.16 -10.80 11.96
C LYS A 76 20.99 -11.96 12.43
N TYR A 77 20.76 -12.38 13.66
CA TYR A 77 21.40 -13.57 14.28
C TYR A 77 20.33 -14.61 14.53
N CYS A 78 20.64 -15.85 14.21
CA CYS A 78 19.84 -17.03 14.61
C CYS A 78 20.51 -17.70 15.81
N ASN A 79 19.92 -17.54 16.99
CA ASN A 79 20.49 -18.07 18.27
C ASN A 79 20.61 -19.60 18.19
N TYR A 80 19.65 -20.28 17.57
CA TYR A 80 19.58 -21.76 17.47
C TYR A 80 20.80 -22.31 16.73
N THR A 81 21.19 -21.67 15.62
CA THR A 81 22.25 -22.18 14.69
C THR A 81 23.56 -21.41 14.91
N SER A 82 23.56 -20.36 15.73
CA SER A 82 24.74 -19.50 16.01
C SER A 82 25.23 -18.83 14.71
N LEU A 83 24.32 -18.54 13.78
CA LEU A 83 24.71 -17.94 12.49
C LEU A 83 24.33 -16.47 12.47
N VAL A 84 25.27 -15.63 12.05
CA VAL A 84 25.01 -14.19 11.79
C VAL A 84 24.80 -14.01 10.28
N PHE A 85 23.80 -13.21 9.91
CA PHE A 85 23.51 -12.83 8.50
C PHE A 85 23.73 -11.34 8.39
N THR A 86 24.69 -10.93 7.56
CA THR A 86 25.01 -9.49 7.35
C THR A 86 24.72 -9.16 5.90
N VAL A 87 24.20 -7.97 5.66
CA VAL A 87 23.78 -7.57 4.29
C VAL A 87 24.59 -6.37 3.84
N SER A 88 25.17 -6.45 2.66
CA SER A 88 25.86 -5.31 2.02
C SER A 88 25.68 -5.43 0.52
N THR A 89 25.30 -4.33 -0.13
CA THR A 89 24.92 -4.27 -1.57
C THR A 89 24.04 -5.47 -1.93
N SER A 90 24.46 -6.31 -2.87
CA SER A 90 23.63 -7.42 -3.38
C SER A 90 24.00 -8.73 -2.70
N TYR A 91 24.63 -8.68 -1.53
CA TYR A 91 25.17 -9.87 -0.83
C TYR A 91 24.60 -10.03 0.58
N ILE A 92 24.42 -11.29 0.96
CA ILE A 92 24.20 -11.69 2.38
C ILE A 92 25.36 -12.58 2.77
N LYS A 93 26.14 -12.19 3.77
CA LYS A 93 27.24 -13.03 4.26
C LYS A 93 26.73 -13.78 5.48
N VAL A 94 27.04 -15.07 5.54
CA VAL A 94 26.56 -15.98 6.60
C VAL A 94 27.79 -16.38 7.42
N TRP A 95 27.77 -16.08 8.70
CA TRP A 95 28.95 -16.25 9.59
C TRP A 95 28.64 -17.29 10.66
N ASP A 96 29.54 -18.26 10.81
CA ASP A 96 29.55 -19.20 11.96
C ASP A 96 30.51 -18.61 12.98
N ILE A 97 29.99 -18.08 14.10
CA ILE A 97 30.81 -17.26 15.03
C ILE A 97 31.15 -18.04 16.30
N ARG A 98 30.94 -19.35 16.31
CA ARG A 98 31.24 -20.21 17.49
C ARG A 98 32.72 -20.02 17.90
N ASP A 99 33.64 -19.93 16.94
CA ASP A 99 35.11 -19.89 17.19
C ASP A 99 35.71 -18.54 16.77
N SER A 100 35.50 -18.14 15.52
CA SER A 100 36.13 -16.95 14.87
C SER A 100 35.13 -16.31 13.92
N ALA A 101 35.54 -15.23 13.24
CA ALA A 101 34.70 -14.55 12.22
C ALA A 101 34.75 -15.36 10.91
N LYS A 102 34.08 -16.51 10.89
CA LYS A 102 34.14 -17.50 9.76
C LYS A 102 32.94 -17.31 8.84
N CYS A 103 33.17 -16.78 7.65
CA CYS A 103 32.12 -16.67 6.62
C CYS A 103 31.95 -18.03 5.93
N ILE A 104 30.81 -18.68 6.14
CA ILE A 104 30.54 -20.03 5.57
C ILE A 104 29.77 -19.94 4.24
N ARG A 105 29.03 -18.86 4.00
CA ARG A 105 28.24 -18.71 2.76
C ARG A 105 28.17 -17.25 2.38
N THR A 106 28.11 -16.98 1.07
CA THR A 106 27.63 -15.68 0.57
C THR A 106 26.48 -15.95 -0.37
N LEU A 107 25.34 -15.31 -0.09
CA LEU A 107 24.12 -15.41 -0.92
C LEU A 107 23.98 -14.11 -1.72
N THR A 108 23.48 -14.17 -2.94
CA THR A 108 23.28 -12.94 -3.73
C THR A 108 21.79 -12.61 -3.88
N SER A 109 21.51 -11.39 -4.29
CA SER A 109 20.13 -10.92 -4.54
C SER A 109 19.46 -11.82 -5.58
N SER A 110 20.24 -12.37 -6.51
CA SER A 110 19.75 -13.20 -7.63
C SER A 110 19.66 -14.68 -7.25
N GLY A 111 20.07 -15.09 -6.05
CA GLY A 111 19.94 -16.50 -5.62
C GLY A 111 21.20 -17.33 -5.80
N GLN A 112 22.34 -16.70 -6.13
N GLN A 112 22.36 -16.72 -6.09
CA GLN A 112 23.67 -17.38 -6.24
CA GLN A 112 23.62 -17.49 -6.25
C GLN A 112 24.11 -17.76 -4.82
C GLN A 112 24.26 -17.69 -4.88
N VAL A 113 24.84 -18.87 -4.69
CA VAL A 113 25.42 -19.32 -3.38
C VAL A 113 26.90 -19.62 -3.54
N THR A 114 27.74 -18.90 -2.80
CA THR A 114 29.18 -19.18 -2.68
C THR A 114 29.46 -19.89 -1.36
N LEU A 115 30.29 -20.93 -1.40
CA LEU A 115 30.88 -21.56 -0.19
C LEU A 115 32.03 -20.67 0.26
N GLY A 116 31.83 -19.96 1.37
CA GLY A 116 32.79 -18.99 1.88
C GLY A 116 32.43 -17.58 1.45
N ASP A 117 33.44 -16.74 1.36
CA ASP A 117 33.30 -15.28 1.18
C ASP A 117 33.42 -14.93 -0.31
N ALA A 118 32.33 -14.49 -0.94
CA ALA A 118 32.29 -14.12 -2.39
C ALA A 118 32.71 -12.67 -2.58
N CYS A 119 32.80 -11.88 -1.50
CA CYS A 119 33.11 -10.44 -1.61
C CYS A 119 34.63 -10.29 -1.69
N SER A 120 35.21 -10.81 -2.79
CA SER A 120 36.67 -10.91 -3.08
C SER A 120 37.10 -9.81 -4.05
N ALA A 121 36.16 -9.25 -4.81
CA ALA A 121 36.38 -8.20 -5.84
C ALA A 121 37.01 -6.96 -5.17
N SER A 122 37.73 -6.16 -5.95
CA SER A 122 38.28 -4.86 -5.48
C SER A 122 37.11 -4.01 -4.92
N THR A 123 37.32 -3.31 -3.82
CA THR A 123 36.31 -2.39 -3.24
C THR A 123 36.63 -0.95 -3.64
N SER A 124 35.61 -0.09 -3.59
CA SER A 124 35.69 1.35 -3.91
C SER A 124 34.57 2.07 -3.17
N ARG A 125 34.45 3.37 -3.42
CA ARG A 125 33.37 4.22 -2.87
C ARG A 125 32.34 4.50 -3.96
N THR A 126 32.27 3.68 -5.01
CA THR A 126 31.28 3.93 -6.11
C THR A 126 30.41 2.69 -6.30
N VAL A 127 29.09 2.89 -6.37
CA VAL A 127 28.13 1.77 -6.57
C VAL A 127 28.55 0.93 -7.77
N ALA A 128 28.58 -0.39 -7.61
CA ALA A 128 29.08 -1.34 -8.63
C ALA A 128 28.16 -2.56 -8.69
N ILE A 129 26.87 -2.37 -8.39
CA ILE A 129 25.85 -3.45 -8.43
C ILE A 129 25.55 -3.69 -9.91
N PRO A 130 25.87 -4.89 -10.44
CA PRO A 130 25.68 -5.17 -11.85
C PRO A 130 24.22 -5.46 -12.23
N SER A 131 23.95 -5.44 -13.54
CA SER A 131 22.67 -5.93 -14.10
C SER A 131 22.41 -7.35 -13.60
N GLY A 132 21.18 -7.62 -13.22
CA GLY A 132 20.77 -8.93 -12.69
C GLY A 132 20.96 -9.02 -11.20
N GLU A 133 21.54 -7.99 -10.57
CA GLU A 133 21.54 -7.87 -9.08
C GLU A 133 20.85 -6.57 -8.67
N ASN A 134 20.40 -6.53 -7.42
CA ASN A 134 19.89 -5.30 -6.79
C ASN A 134 20.43 -5.22 -5.37
N GLN A 135 20.48 -4.02 -4.85
CA GLN A 135 20.67 -3.80 -3.40
C GLN A 135 19.66 -4.65 -2.64
N ILE A 136 20.14 -5.35 -1.63
CA ILE A 136 19.28 -6.01 -0.61
C ILE A 136 19.06 -4.99 0.49
N ASN A 137 17.82 -4.59 0.71
CA ASN A 137 17.52 -3.45 1.60
C ASN A 137 17.39 -3.96 3.04
N GLN A 138 16.88 -5.17 3.23
CA GLN A 138 16.64 -5.71 4.58
C GLN A 138 16.41 -7.21 4.49
N ILE A 139 16.76 -7.91 5.55
CA ILE A 139 16.45 -9.35 5.71
C ILE A 139 15.63 -9.55 6.98
N ALA A 140 14.97 -10.68 7.04
CA ALA A 140 14.20 -11.14 8.20
C ALA A 140 14.32 -12.66 8.29
N LEU A 141 14.51 -13.17 9.50
CA LEU A 141 14.42 -14.61 9.77
C LEU A 141 12.99 -14.91 10.24
N ASN A 142 12.51 -16.11 9.96
CA ASN A 142 11.30 -16.61 10.63
C ASN A 142 11.69 -16.96 12.05
N PRO A 143 10.70 -17.04 12.98
CA PRO A 143 11.02 -17.29 14.38
C PRO A 143 11.83 -18.56 14.63
N THR A 144 11.65 -19.60 13.80
CA THR A 144 12.35 -20.92 13.92
C THR A 144 13.76 -20.85 13.33
N GLY A 145 14.12 -19.80 12.60
CA GLY A 145 15.42 -19.66 11.92
C GLY A 145 15.65 -20.69 10.83
N THR A 146 14.58 -21.23 10.24
CA THR A 146 14.61 -22.20 9.12
C THR A 146 14.58 -21.50 7.76
N PHE A 147 14.09 -20.25 7.70
CA PHE A 147 13.99 -19.47 6.45
C PHE A 147 14.45 -18.05 6.72
N LEU A 148 15.13 -17.49 5.71
CA LEU A 148 15.51 -16.07 5.61
C LEU A 148 14.76 -15.48 4.42
N TYR A 149 14.25 -14.27 4.61
CA TYR A 149 13.51 -13.49 3.61
C TYR A 149 14.31 -12.22 3.31
N ALA A 150 14.69 -12.04 2.06
CA ALA A 150 15.64 -10.99 1.64
C ALA A 150 14.95 -10.03 0.65
N ALA A 151 14.70 -8.81 1.11
CA ALA A 151 14.03 -7.76 0.30
C ALA A 151 15.05 -7.14 -0.65
N SER A 152 14.77 -7.18 -1.94
N SER A 152 14.85 -7.27 -1.96
CA SER A 152 15.67 -6.68 -3.00
CA SER A 152 15.73 -6.68 -3.01
C SER A 152 14.84 -6.37 -4.24
C SER A 152 14.92 -6.41 -4.27
N GLY A 153 15.10 -5.23 -4.89
CA GLY A 153 14.21 -4.79 -5.99
C GLY A 153 12.77 -4.81 -5.50
N ASN A 154 11.83 -5.23 -6.35
CA ASN A 154 10.39 -5.13 -6.03
C ASN A 154 9.89 -6.44 -5.42
N ALA A 155 10.79 -7.26 -4.86
CA ALA A 155 10.44 -8.62 -4.40
C ALA A 155 11.22 -9.00 -3.14
N VAL A 156 10.84 -10.13 -2.56
CA VAL A 156 11.50 -10.72 -1.38
C VAL A 156 11.89 -12.13 -1.77
N ARG A 157 13.18 -12.45 -1.75
CA ARG A 157 13.66 -13.81 -2.04
C ARG A 157 13.57 -14.67 -0.78
N MET A 158 13.11 -15.91 -0.92
CA MET A 158 12.99 -16.89 0.17
C MET A 158 14.18 -17.84 0.15
N TRP A 159 14.84 -17.97 1.28
CA TRP A 159 16.04 -18.81 1.45
C TRP A 159 15.77 -19.90 2.47
N ASP A 160 15.92 -21.16 2.04
CA ASP A 160 15.95 -22.34 2.94
C ASP A 160 17.32 -22.38 3.62
N LEU A 161 17.35 -22.16 4.93
CA LEU A 161 18.62 -22.06 5.68
C LEU A 161 19.17 -23.43 6.07
N LYS A 162 18.43 -24.52 5.85
CA LYS A 162 19.01 -25.88 6.04
C LYS A 162 19.90 -26.21 4.83
N ARG A 163 19.55 -25.72 3.64
CA ARG A 163 20.25 -26.05 2.37
C ARG A 163 21.04 -24.85 1.85
N PHE A 164 20.78 -23.65 2.37
CA PHE A 164 21.24 -22.36 1.79
C PHE A 164 20.96 -22.36 0.27
N GLN A 165 19.70 -22.57 -0.08
CA GLN A 165 19.24 -22.48 -1.47
C GLN A 165 17.91 -21.73 -1.48
N SER A 166 17.71 -20.93 -2.52
CA SER A 166 16.50 -20.09 -2.68
C SER A 166 15.34 -20.95 -3.20
N THR A 167 14.14 -20.75 -2.64
CA THR A 167 12.93 -21.53 -3.01
C THR A 167 11.97 -20.70 -3.86
N GLY A 168 12.06 -19.38 -3.86
CA GLY A 168 11.10 -18.54 -4.60
C GLY A 168 11.14 -17.11 -4.17
N LYS A 169 10.11 -16.36 -4.54
CA LYS A 169 10.06 -14.89 -4.35
C LYS A 169 8.64 -14.47 -3.98
N LEU A 170 8.54 -13.46 -3.13
CA LEU A 170 7.26 -12.76 -2.83
C LEU A 170 7.18 -11.54 -3.76
N THR A 171 6.21 -11.49 -4.68
CA THR A 171 6.11 -10.45 -5.71
C THR A 171 4.81 -9.65 -5.51
N GLY A 172 4.71 -8.52 -6.21
CA GLY A 172 3.49 -7.70 -6.28
C GLY A 172 3.75 -6.23 -5.97
N HIS A 173 4.79 -5.89 -5.21
CA HIS A 173 5.16 -4.46 -4.98
C HIS A 173 5.57 -3.82 -6.33
N LEU A 174 5.32 -2.52 -6.46
CA LEU A 174 5.65 -1.73 -7.69
C LEU A 174 6.85 -0.81 -7.45
N GLY A 175 7.40 -0.84 -6.25
CA GLY A 175 8.68 -0.17 -5.98
C GLY A 175 9.50 -1.01 -5.04
N PRO A 176 10.78 -0.66 -4.86
CA PRO A 176 11.67 -1.45 -4.02
C PRO A 176 11.07 -1.76 -2.65
N VAL A 177 11.25 -3.00 -2.21
CA VAL A 177 10.84 -3.43 -0.84
C VAL A 177 11.95 -2.99 0.11
N MET A 178 11.63 -2.07 1.03
CA MET A 178 12.65 -1.40 1.86
C MET A 178 12.76 -2.07 3.23
N CYS A 179 11.69 -2.71 3.70
CA CYS A 179 11.66 -3.32 5.04
C CYS A 179 10.67 -4.46 5.05
N LEU A 180 10.82 -5.34 6.03
CA LEU A 180 9.92 -6.49 6.17
C LEU A 180 10.06 -7.06 7.56
N THR A 181 9.06 -7.80 7.99
CA THR A 181 9.12 -8.51 9.28
C THR A 181 8.34 -9.81 9.12
N VAL A 182 8.70 -10.82 9.89
CA VAL A 182 8.14 -12.19 9.72
C VAL A 182 7.62 -12.66 11.08
N ASP A 183 6.48 -13.33 11.06
CA ASP A 183 5.88 -13.99 12.24
C ASP A 183 5.43 -15.39 11.86
N GLN A 184 5.06 -16.21 12.85
CA GLN A 184 4.39 -17.52 12.65
C GLN A 184 3.16 -17.55 13.56
N ILE A 185 1.96 -17.49 12.98
CA ILE A 185 0.64 -17.52 13.70
C ILE A 185 0.05 -18.93 13.62
N SER A 186 0.63 -19.82 12.79
CA SER A 186 0.15 -21.20 12.54
C SER A 186 1.33 -22.17 12.42
N SER A 187 1.02 -23.47 12.38
CA SER A 187 1.99 -24.59 12.17
C SER A 187 2.41 -24.62 10.69
N GLY A 188 3.71 -24.48 10.43
CA GLY A 188 4.32 -24.61 9.08
C GLY A 188 3.97 -23.47 8.14
N GLN A 189 3.43 -22.36 8.66
CA GLN A 189 3.06 -21.16 7.86
C GLN A 189 3.88 -19.96 8.36
N ASP A 190 4.53 -19.24 7.44
CA ASP A 190 5.21 -17.96 7.76
C ASP A 190 4.31 -16.83 7.27
N LEU A 191 4.19 -15.79 8.09
CA LEU A 191 3.47 -14.54 7.76
C LEU A 191 4.55 -13.48 7.51
N ILE A 192 4.63 -12.95 6.30
CA ILE A 192 5.64 -11.93 5.94
C ILE A 192 4.90 -10.64 5.63
N ILE A 193 5.29 -9.58 6.32
CA ILE A 193 4.79 -8.20 6.06
C ILE A 193 5.92 -7.42 5.39
N THR A 194 5.59 -6.78 4.26
CA THR A 194 6.56 -6.02 3.47
C THR A 194 6.15 -4.56 3.41
N GLY A 195 7.13 -3.67 3.34
CA GLY A 195 6.95 -2.23 3.19
C GLY A 195 7.79 -1.73 2.05
N SER A 196 7.24 -0.85 1.22
CA SER A 196 7.85 -0.52 -0.08
C SER A 196 8.01 0.99 -0.27
N LYS A 197 8.93 1.36 -1.14
CA LYS A 197 9.07 2.73 -1.70
C LYS A 197 7.76 3.16 -2.32
N ASP A 198 6.93 2.21 -2.76
CA ASP A 198 5.61 2.44 -3.42
C ASP A 198 4.58 2.91 -2.37
N HIS A 199 4.97 3.02 -1.09
CA HIS A 199 4.10 3.51 0.03
C HIS A 199 3.18 2.42 0.57
N TYR A 200 3.24 1.19 0.05
CA TYR A 200 2.29 0.12 0.45
C TYR A 200 2.93 -0.86 1.43
N ILE A 201 2.05 -1.43 2.23
CA ILE A 201 2.32 -2.57 3.16
C ILE A 201 1.52 -3.73 2.62
N LYS A 202 2.17 -4.87 2.41
CA LYS A 202 1.52 -6.11 1.91
C LYS A 202 1.76 -7.25 2.89
N MET A 203 0.85 -8.22 2.85
CA MET A 203 0.92 -9.44 3.66
C MET A 203 1.05 -10.62 2.71
N PHE A 204 1.96 -11.53 3.03
CA PHE A 204 2.15 -12.82 2.33
C PHE A 204 1.98 -13.92 3.36
N ASP A 205 1.31 -14.99 2.95
CA ASP A 205 1.07 -16.23 3.75
C ASP A 205 1.74 -17.38 3.00
N VAL A 206 2.84 -17.90 3.53
CA VAL A 206 3.65 -18.92 2.80
C VAL A 206 3.74 -20.19 3.63
N THR A 207 3.39 -21.33 3.02
CA THR A 207 3.71 -22.66 3.59
C THR A 207 5.22 -22.86 3.47
N GLU A 208 5.90 -23.04 4.60
CA GLU A 208 7.37 -23.16 4.69
C GLU A 208 7.83 -24.17 3.62
N GLY A 209 8.74 -23.74 2.74
CA GLY A 209 9.35 -24.58 1.70
C GLY A 209 8.60 -24.55 0.38
N ALA A 210 7.42 -23.91 0.32
CA ALA A 210 6.65 -23.75 -0.94
C ALA A 210 7.57 -23.16 -2.01
N LEU A 211 7.52 -23.67 -3.24
CA LEU A 211 8.45 -23.27 -4.32
C LEU A 211 7.77 -22.24 -5.24
N GLY A 212 8.54 -21.29 -5.75
CA GLY A 212 8.12 -20.41 -6.86
C GLY A 212 7.69 -19.05 -6.37
N THR A 213 6.96 -18.33 -7.22
N THR A 213 6.99 -18.30 -7.23
CA THR A 213 6.53 -16.92 -7.01
CA THR A 213 6.57 -16.88 -6.98
C THR A 213 5.23 -16.93 -6.20
C THR A 213 5.23 -16.85 -6.26
N VAL A 214 5.13 -16.04 -5.21
CA VAL A 214 3.97 -15.96 -4.29
C VAL A 214 3.40 -14.54 -4.38
N SER A 215 2.11 -14.40 -4.66
CA SER A 215 1.40 -13.09 -4.67
C SER A 215 0.89 -12.77 -3.27
N PRO A 216 0.62 -11.49 -2.96
CA PRO A 216 0.11 -11.10 -1.65
C PRO A 216 -1.29 -11.65 -1.37
N THR A 217 -1.62 -11.80 -0.09
CA THR A 217 -2.98 -12.14 0.40
C THR A 217 -3.74 -10.83 0.66
N HIS A 218 -3.04 -9.78 1.08
CA HIS A 218 -3.70 -8.50 1.44
C HIS A 218 -2.80 -7.30 1.13
N ASN A 219 -3.44 -6.22 0.66
CA ASN A 219 -2.86 -4.86 0.61
C ASN A 219 -3.53 -4.01 1.67
N PHE A 220 -2.75 -3.43 2.58
CA PHE A 220 -3.27 -2.58 3.69
C PHE A 220 -3.62 -1.20 3.15
N GLU A 221 -4.84 -0.77 3.47
CA GLU A 221 -5.42 0.52 2.99
C GLU A 221 -5.98 1.27 4.18
N PRO A 222 -6.01 2.62 4.20
CA PRO A 222 -5.34 3.44 3.19
C PRO A 222 -3.85 3.57 3.49
N PRO A 223 -2.98 3.71 2.46
CA PRO A 223 -1.55 3.66 2.67
C PRO A 223 -0.97 4.94 3.27
N HIS A 224 0.26 4.86 3.76
CA HIS A 224 1.12 6.04 4.02
C HIS A 224 1.25 6.87 2.73
N TYR A 225 1.69 8.12 2.88
CA TYR A 225 1.84 9.08 1.77
C TYR A 225 3.23 9.01 1.15
N ASP A 226 4.13 8.21 1.74
CA ASP A 226 5.54 8.14 1.30
C ASP A 226 6.09 6.76 1.67
N GLY A 227 7.35 6.49 1.32
CA GLY A 227 7.99 5.17 1.52
C GLY A 227 7.81 4.63 2.93
N ILE A 228 7.67 3.30 3.02
CA ILE A 228 7.62 2.59 4.32
C ILE A 228 9.07 2.38 4.78
N GLU A 229 9.40 2.77 6.00
CA GLU A 229 10.76 2.67 6.57
C GLU A 229 10.85 1.60 7.66
N ALA A 230 9.79 1.37 8.44
CA ALA A 230 9.86 0.48 9.63
C ALA A 230 8.55 -0.26 9.83
N LEU A 231 8.67 -1.49 10.32
CA LEU A 231 7.55 -2.39 10.66
C LEU A 231 7.90 -3.14 11.92
N THR A 232 6.93 -3.38 12.79
CA THR A 232 7.09 -4.28 13.95
C THR A 232 5.73 -4.88 14.30
N ILE A 233 5.74 -6.13 14.76
CA ILE A 233 4.52 -6.88 15.15
C ILE A 233 4.59 -7.16 16.66
N GLN A 234 3.46 -7.00 17.34
CA GLN A 234 3.18 -7.56 18.69
C GLN A 234 1.80 -8.21 18.62
N GLY A 235 1.73 -9.52 18.86
CA GLY A 235 0.49 -10.31 18.75
C GLY A 235 -0.15 -10.15 17.39
N ASP A 236 -1.40 -9.70 17.35
CA ASP A 236 -2.19 -9.48 16.11
C ASP A 236 -2.03 -8.06 15.58
N ASN A 237 -1.15 -7.25 16.19
CA ASN A 237 -0.99 -5.81 15.83
C ASN A 237 0.29 -5.60 15.03
N LEU A 238 0.17 -4.87 13.92
CA LEU A 238 1.31 -4.42 13.09
C LEU A 238 1.42 -2.90 13.21
N PHE A 239 2.64 -2.41 13.44
CA PHE A 239 2.93 -0.97 13.47
C PHE A 239 3.84 -0.62 12.30
N SER A 240 3.54 0.47 11.59
CA SER A 240 4.32 0.94 10.43
C SER A 240 4.79 2.38 10.63
N GLY A 241 5.98 2.69 10.14
CA GLY A 241 6.58 4.03 10.16
C GLY A 241 7.06 4.40 8.77
N SER A 242 6.92 5.67 8.41
CA SER A 242 7.06 6.10 7.00
C SER A 242 7.86 7.40 6.88
N ARG A 243 8.36 7.64 5.67
CA ARG A 243 8.93 8.95 5.25
C ARG A 243 7.84 10.05 5.28
N ASP A 244 6.56 9.69 5.42
CA ASP A 244 5.47 10.70 5.59
C ASP A 244 5.43 11.23 7.03
N ASN A 245 6.34 10.78 7.90
CA ASN A 245 6.51 11.23 9.31
C ASN A 245 5.37 10.68 10.18
N GLY A 246 4.59 9.72 9.67
CA GLY A 246 3.44 9.10 10.35
C GLY A 246 3.71 7.70 10.85
N ILE A 247 2.90 7.25 11.80
CA ILE A 247 2.83 5.84 12.28
C ILE A 247 1.38 5.38 12.11
N LYS A 248 1.21 4.11 11.83
CA LYS A 248 -0.13 3.47 11.72
CA LYS A 248 -0.13 3.48 11.73
C LYS A 248 -0.12 2.17 12.49
N LYS A 249 -1.26 1.80 13.03
CA LYS A 249 -1.51 0.51 13.70
C LYS A 249 -2.51 -0.25 12.86
N TRP A 250 -2.17 -1.48 12.50
CA TRP A 250 -3.00 -2.34 11.64
C TRP A 250 -3.39 -3.60 12.41
N ASP A 251 -4.59 -4.10 12.13
CA ASP A 251 -5.03 -5.41 12.66
C ASP A 251 -4.65 -6.49 11.64
N LEU A 252 -3.82 -7.45 12.06
CA LEU A 252 -3.33 -8.52 11.16
C LEU A 252 -4.44 -9.54 10.90
N THR A 253 -5.47 -9.62 11.75
CA THR A 253 -6.58 -10.58 11.59
C THR A 253 -7.60 -10.03 10.58
N GLN A 254 -8.12 -8.84 10.81
CA GLN A 254 -9.16 -8.17 9.97
C GLN A 254 -8.52 -7.50 8.76
N LYS A 255 -7.22 -7.19 8.84
CA LYS A 255 -6.43 -6.63 7.72
C LYS A 255 -6.97 -5.24 7.39
N ASP A 256 -6.93 -4.33 8.37
CA ASP A 256 -7.40 -2.93 8.23
C ASP A 256 -6.82 -2.06 9.35
N LEU A 257 -7.00 -0.75 9.23
CA LEU A 257 -6.38 0.30 10.10
C LEU A 257 -7.12 0.39 11.45
N LEU A 258 -6.38 0.41 12.57
CA LEU A 258 -6.92 0.55 13.95
C LEU A 258 -6.64 1.95 14.53
N GLN A 259 -5.41 2.43 14.40
CA GLN A 259 -4.97 3.73 14.98
C GLN A 259 -3.98 4.35 14.00
N GLN A 260 -3.83 5.66 14.06
CA GLN A 260 -2.81 6.35 13.24
C GLN A 260 -2.49 7.70 13.89
N VAL A 261 -1.24 8.10 13.74
CA VAL A 261 -0.77 9.45 14.12
C VAL A 261 -0.05 9.99 12.89
N PRO A 262 -0.72 10.81 12.06
CA PRO A 262 -0.02 11.54 11.02
C PRO A 262 0.88 12.56 11.71
N ASN A 263 2.06 12.83 11.13
CA ASN A 263 3.02 13.80 11.70
C ASN A 263 3.32 13.38 13.15
N ALA A 264 3.50 12.09 13.39
CA ALA A 264 3.89 11.54 14.71
C ALA A 264 5.24 12.12 15.12
N HIS A 265 6.15 12.29 14.14
CA HIS A 265 7.44 12.99 14.31
C HIS A 265 7.49 14.15 13.30
N LYS A 266 8.47 15.03 13.45
CA LYS A 266 8.70 16.16 12.51
C LYS A 266 9.58 15.70 11.34
N ASP A 267 9.99 14.43 11.31
CA ASP A 267 10.85 13.91 10.22
C ASP A 267 10.57 12.41 10.07
N TRP A 268 11.24 11.78 9.11
CA TRP A 268 10.95 10.38 8.72
C TRP A 268 10.96 9.49 9.97
N VAL A 269 9.95 8.64 10.10
CA VAL A 269 9.93 7.61 11.16
C VAL A 269 10.67 6.39 10.62
N CYS A 270 11.88 6.16 11.11
CA CYS A 270 12.83 5.19 10.50
C CYS A 270 12.90 3.90 11.32
N ALA A 271 12.31 3.85 12.51
CA ALA A 271 12.57 2.75 13.45
C ALA A 271 11.39 2.64 14.40
N LEU A 272 10.98 1.41 14.67
CA LEU A 272 9.92 1.07 15.63
C LEU A 272 10.31 -0.15 16.44
N GLY A 273 9.91 -0.18 17.70
CA GLY A 273 10.04 -1.37 18.53
C GLY A 273 9.08 -1.35 19.67
N VAL A 274 8.72 -2.51 20.18
CA VAL A 274 7.81 -2.62 21.35
C VAL A 274 8.67 -2.69 22.61
N VAL A 275 8.40 -1.81 23.56
CA VAL A 275 9.12 -1.78 24.86
C VAL A 275 8.88 -3.13 25.55
N PRO A 276 9.93 -3.87 25.97
CA PRO A 276 9.70 -5.10 26.71
C PRO A 276 8.80 -4.89 27.93
N ASP A 277 7.85 -5.80 28.10
CA ASP A 277 7.04 -5.98 29.33
C ASP A 277 5.96 -4.90 29.45
N HIS A 278 5.85 -3.96 28.52
CA HIS A 278 4.89 -2.83 28.59
C HIS A 278 4.14 -2.69 27.27
N PRO A 279 2.87 -2.23 27.31
CA PRO A 279 2.07 -2.05 26.10
C PRO A 279 2.38 -0.72 25.45
N VAL A 280 3.64 -0.55 25.07
CA VAL A 280 4.21 0.75 24.66
C VAL A 280 5.03 0.56 23.39
N LEU A 281 4.72 1.36 22.38
CA LEU A 281 5.49 1.40 21.11
C LEU A 281 6.51 2.53 21.21
N LEU A 282 7.76 2.23 20.87
CA LEU A 282 8.82 3.24 20.69
C LEU A 282 9.01 3.54 19.22
N SER A 283 9.05 4.83 18.88
CA SER A 283 9.32 5.28 17.50
C SER A 283 10.53 6.23 17.54
N GLY A 284 11.37 6.13 16.52
CA GLY A 284 12.56 6.98 16.35
C GLY A 284 12.60 7.54 14.95
N CYS A 285 12.98 8.81 14.85
CA CYS A 285 12.98 9.53 13.56
C CYS A 285 14.39 9.98 13.14
N ARG A 286 14.44 10.52 11.92
CA ARG A 286 15.66 11.10 11.33
C ARG A 286 16.06 12.37 12.10
N GLY A 287 15.18 12.91 12.96
CA GLY A 287 15.50 14.04 13.85
C GLY A 287 16.18 13.62 15.15
N GLY A 288 16.35 12.33 15.40
CA GLY A 288 16.99 11.83 16.64
C GLY A 288 16.04 11.81 17.82
N ILE A 289 14.73 12.01 17.58
CA ILE A 289 13.71 12.03 18.65
C ILE A 289 13.16 10.62 18.88
N LEU A 290 12.98 10.25 20.14
CA LEU A 290 12.29 9.00 20.54
C LEU A 290 10.95 9.39 21.15
N LYS A 291 9.89 8.75 20.66
CA LYS A 291 8.54 8.93 21.22
C LYS A 291 7.99 7.58 21.64
N VAL A 292 7.16 7.60 22.68
CA VAL A 292 6.50 6.37 23.15
C VAL A 292 4.99 6.58 23.10
N TRP A 293 4.30 5.52 22.73
CA TRP A 293 2.84 5.53 22.49
C TRP A 293 2.20 4.34 23.18
N ASN A 294 1.06 4.54 23.82
CA ASN A 294 0.28 3.38 24.29
C ASN A 294 -0.11 2.58 23.04
N MET A 295 0.17 1.29 23.02
N MET A 295 0.18 1.29 23.02
CA MET A 295 -0.06 0.46 21.79
CA MET A 295 0.00 0.46 21.80
C MET A 295 -1.55 0.25 21.56
C MET A 295 -1.48 0.09 21.61
N ASP A 296 -2.34 0.25 22.63
CA ASP A 296 -3.80 -0.03 22.53
C ASP A 296 -4.52 1.20 21.95
N THR A 297 -4.18 2.41 22.39
CA THR A 297 -4.92 3.66 22.03
C THR A 297 -4.11 4.62 21.15
N PHE A 298 -2.79 4.44 21.02
CA PHE A 298 -1.86 5.39 20.37
C PHE A 298 -1.84 6.73 21.12
N MET A 299 -2.27 6.76 22.38
CA MET A 299 -2.05 7.96 23.24
C MET A 299 -0.54 8.19 23.36
N PRO A 300 -0.03 9.41 23.14
CA PRO A 300 1.37 9.68 23.45
C PRO A 300 1.62 9.49 24.95
N VAL A 301 2.76 8.91 25.33
CA VAL A 301 3.12 8.72 26.75
C VAL A 301 4.59 9.11 26.95
N GLY A 302 5.15 9.95 26.06
CA GLY A 302 6.51 10.47 26.29
C GLY A 302 7.23 10.87 25.02
N GLU A 303 8.02 11.93 25.14
CA GLU A 303 8.96 12.35 24.09
C GLU A 303 10.30 12.62 24.76
N MET A 304 11.39 12.21 24.13
CA MET A 304 12.73 12.45 24.67
C MET A 304 13.69 12.57 23.49
N LYS A 305 14.82 13.22 23.71
CA LYS A 305 15.97 13.17 22.79
C LYS A 305 16.55 11.76 22.87
N GLY A 306 16.66 11.06 21.74
CA GLY A 306 17.32 9.75 21.70
C GLY A 306 18.82 9.95 21.49
N HIS A 307 19.14 10.60 20.39
CA HIS A 307 20.51 10.92 19.95
C HIS A 307 20.50 12.34 19.39
N ASP A 308 21.68 12.97 19.32
N ASP A 308 21.66 13.02 19.39
CA ASP A 308 21.88 14.27 18.61
CA ASP A 308 21.83 14.31 18.67
C ASP A 308 22.23 13.98 17.15
C ASP A 308 22.21 13.98 17.22
N SER A 309 21.66 12.91 16.60
N SER A 309 21.37 13.21 16.52
CA SER A 309 21.83 12.48 15.19
CA SER A 309 21.75 12.47 15.30
C SER A 309 20.60 11.68 14.78
C SER A 309 20.55 11.68 14.79
N PRO A 310 20.38 11.50 13.46
CA PRO A 310 19.34 10.61 12.97
C PRO A 310 19.42 9.19 13.57
N ILE A 311 18.25 8.65 13.91
CA ILE A 311 18.11 7.25 14.38
C ILE A 311 17.78 6.39 13.17
N ASN A 312 18.50 5.29 13.02
CA ASN A 312 18.37 4.39 11.84
C ASN A 312 17.63 3.10 12.17
N ALA A 313 17.63 2.67 13.42
CA ALA A 313 17.14 1.32 13.79
C ALA A 313 16.90 1.23 15.27
N ILE A 314 15.95 0.37 15.62
CA ILE A 314 15.60 -0.08 16.98
C ILE A 314 15.54 -1.60 16.95
N CYS A 315 16.06 -2.23 17.99
CA CYS A 315 15.77 -3.64 18.25
C CYS A 315 15.56 -3.83 19.74
N VAL A 316 15.09 -5.01 20.12
CA VAL A 316 14.75 -5.33 21.54
C VAL A 316 15.25 -6.72 21.85
N ASN A 317 15.50 -6.94 23.14
CA ASN A 317 15.62 -8.31 23.67
C ASN A 317 14.58 -8.46 24.79
N SER A 318 14.79 -9.37 25.73
CA SER A 318 13.77 -9.64 26.77
C SER A 318 13.67 -8.48 27.77
N THR A 319 14.71 -7.62 27.85
CA THR A 319 14.82 -6.66 28.97
C THR A 319 15.16 -5.24 28.52
N HIS A 320 15.78 -5.05 27.38
CA HIS A 320 16.29 -3.73 26.95
C HIS A 320 15.88 -3.43 25.52
N ILE A 321 16.04 -2.15 25.22
N ILE A 321 15.92 -2.16 25.15
CA ILE A 321 15.82 -1.54 23.89
CA ILE A 321 15.63 -1.71 23.76
C ILE A 321 17.13 -0.97 23.39
C ILE A 321 16.80 -0.82 23.31
N PHE A 322 17.30 -1.04 22.09
CA PHE A 322 18.57 -0.56 21.50
C PHE A 322 18.25 0.41 20.37
N THR A 323 18.90 1.56 20.33
CA THR A 323 18.81 2.54 19.20
C THR A 323 20.16 2.67 18.51
N ALA A 324 20.15 2.68 17.19
CA ALA A 324 21.36 2.84 16.34
C ALA A 324 21.26 4.19 15.64
N ALA A 325 22.34 4.99 15.64
CA ALA A 325 22.28 6.35 15.09
C ALA A 325 23.50 6.69 14.22
N ASP A 326 23.37 7.79 13.48
CA ASP A 326 24.44 8.32 12.61
C ASP A 326 25.66 8.76 13.44
N ASP A 327 25.48 8.95 14.74
CA ASP A 327 26.55 9.40 15.67
C ASP A 327 27.53 8.26 15.99
N ARG A 328 27.43 7.11 15.31
CA ARG A 328 28.40 5.99 15.39
C ARG A 328 28.14 5.14 16.64
N THR A 329 27.03 5.36 17.35
CA THR A 329 26.76 4.67 18.63
C THR A 329 25.48 3.83 18.55
N VAL A 330 25.41 2.87 19.47
CA VAL A 330 24.13 2.24 19.86
C VAL A 330 23.90 2.62 21.31
N ARG A 331 22.73 3.17 21.63
CA ARG A 331 22.34 3.42 23.03
C ARG A 331 21.49 2.26 23.52
N ILE A 332 21.75 1.84 24.76
CA ILE A 332 21.01 0.76 25.44
C ILE A 332 20.05 1.40 26.45
N TRP A 333 18.77 1.11 26.32
CA TRP A 333 17.70 1.75 27.12
C TRP A 333 16.99 0.69 27.96
N LYS A 334 16.58 1.09 29.16
CA LYS A 334 15.76 0.27 30.06
C LYS A 334 14.52 1.12 30.43
N ALA A 335 13.21 0.33 30.47
CA ALA A 335 12.05 0.97 31.17
C ALA A 335 12.22 0.85 32.68
N LEU B 14 8.67 -15.27 -16.72
CA LEU B 14 8.69 -13.80 -16.43
C LEU B 14 7.49 -13.08 -17.06
N TYR B 15 6.84 -13.66 -18.07
CA TYR B 15 5.69 -13.03 -18.78
C TYR B 15 4.43 -13.13 -17.91
N PHE B 16 3.43 -12.32 -18.24
CA PHE B 16 2.08 -12.34 -17.63
C PHE B 16 1.34 -13.58 -18.12
N GLN B 17 0.92 -14.48 -17.24
CA GLN B 17 0.31 -15.77 -17.67
C GLN B 17 -1.05 -15.49 -18.32
N GLY B 18 -1.93 -14.77 -17.62
CA GLY B 18 -3.25 -14.43 -18.13
C GLY B 18 -4.22 -14.12 -17.02
N LEU B 19 -5.49 -13.95 -17.36
CA LEU B 19 -6.59 -13.81 -16.37
C LEU B 19 -7.53 -15.01 -16.54
N GLN B 20 -7.92 -15.60 -15.42
CA GLN B 20 -8.88 -16.73 -15.41
C GLN B 20 -10.14 -16.24 -14.69
N CYS B 21 -11.29 -16.43 -15.30
CA CYS B 21 -12.59 -16.11 -14.65
C CYS B 21 -12.89 -17.18 -13.61
N ILE B 22 -12.94 -16.82 -12.33
CA ILE B 22 -13.09 -17.82 -11.23
C ILE B 22 -14.50 -17.77 -10.64
N HIS B 23 -15.31 -16.77 -11.01
CA HIS B 23 -16.71 -16.65 -10.54
C HIS B 23 -17.48 -15.66 -11.43
N ILE B 24 -18.78 -15.89 -11.55
CA ILE B 24 -19.73 -14.95 -12.22
C ILE B 24 -20.83 -14.60 -11.22
N ALA B 25 -20.97 -13.31 -10.91
CA ALA B 25 -22.04 -12.77 -10.07
C ALA B 25 -23.27 -12.55 -10.97
N GLU B 26 -24.28 -13.41 -10.82
CA GLU B 26 -25.55 -13.40 -11.58
C GLU B 26 -26.70 -13.08 -10.63
N GLY B 27 -27.61 -12.23 -11.07
CA GLY B 27 -28.75 -11.79 -10.24
C GLY B 27 -29.43 -10.55 -10.81
N HIS B 28 -28.66 -9.60 -11.34
CA HIS B 28 -29.24 -8.40 -11.97
C HIS B 28 -30.06 -8.79 -13.20
N THR B 29 -31.11 -8.02 -13.49
CA THR B 29 -32.04 -8.29 -14.63
C THR B 29 -31.76 -7.35 -15.82
N LYS B 30 -30.79 -6.44 -15.71
N LYS B 30 -30.80 -6.44 -15.70
CA LYS B 30 -30.37 -5.54 -16.81
CA LYS B 30 -30.37 -5.51 -16.77
C LYS B 30 -28.86 -5.29 -16.67
C LYS B 30 -28.86 -5.29 -16.67
N ALA B 31 -28.29 -4.53 -17.61
CA ALA B 31 -26.84 -4.19 -17.67
C ALA B 31 -26.30 -3.84 -16.28
N VAL B 32 -25.10 -4.30 -15.95
CA VAL B 32 -24.37 -3.84 -14.72
C VAL B 32 -23.47 -2.67 -15.14
N LEU B 33 -23.76 -1.48 -14.59
CA LEU B 33 -23.09 -0.23 -15.02
C LEU B 33 -21.87 0.08 -14.18
N CYS B 34 -21.81 -0.45 -12.96
CA CYS B 34 -20.78 -0.02 -11.99
C CYS B 34 -20.54 -1.11 -10.95
N VAL B 35 -19.35 -1.09 -10.39
CA VAL B 35 -18.89 -2.05 -9.35
C VAL B 35 -17.99 -1.35 -8.35
N ASP B 36 -17.98 -1.89 -7.14
CA ASP B 36 -16.98 -1.54 -6.12
C ASP B 36 -16.74 -2.80 -5.28
N SER B 37 -15.56 -2.97 -4.71
CA SER B 37 -15.24 -4.23 -3.99
C SER B 37 -14.25 -3.95 -2.87
N THR B 38 -14.47 -4.60 -1.73
CA THR B 38 -13.41 -4.81 -0.73
C THR B 38 -12.93 -6.26 -0.86
N ASP B 39 -12.11 -6.72 0.07
CA ASP B 39 -11.68 -8.14 0.09
C ASP B 39 -12.86 -9.02 0.55
N ASP B 40 -13.91 -8.42 1.13
CA ASP B 40 -15.04 -9.10 1.82
C ASP B 40 -16.32 -9.03 0.97
N LEU B 41 -16.54 -7.91 0.29
CA LEU B 41 -17.86 -7.56 -0.27
C LEU B 41 -17.71 -7.01 -1.69
N LEU B 42 -18.69 -7.29 -2.53
CA LEU B 42 -18.84 -6.70 -3.88
C LEU B 42 -20.15 -5.92 -3.92
N PHE B 43 -20.14 -4.76 -4.57
CA PHE B 43 -21.31 -3.89 -4.79
C PHE B 43 -21.46 -3.71 -6.30
N THR B 44 -22.67 -3.89 -6.80
CA THR B 44 -23.00 -3.75 -8.24
C THR B 44 -24.15 -2.77 -8.36
N GLY B 45 -24.15 -1.98 -9.42
CA GLY B 45 -25.27 -1.08 -9.76
C GLY B 45 -25.69 -1.34 -11.17
N SER B 46 -27.01 -1.34 -11.43
CA SER B 46 -27.59 -1.85 -12.68
C SER B 46 -28.64 -0.88 -13.23
N LYS B 47 -28.92 -1.03 -14.52
CA LYS B 47 -30.08 -0.41 -15.20
C LYS B 47 -31.38 -0.97 -14.63
N ASP B 48 -31.32 -2.06 -13.83
CA ASP B 48 -32.54 -2.60 -13.17
C ASP B 48 -32.89 -1.76 -11.95
N ARG B 49 -32.17 -0.64 -11.70
CA ARG B 49 -32.50 0.37 -10.66
C ARG B 49 -32.20 -0.17 -9.26
N THR B 50 -31.34 -1.18 -9.16
CA THR B 50 -30.88 -1.71 -7.87
C THR B 50 -29.36 -1.68 -7.78
N CYS B 51 -28.89 -1.66 -6.56
CA CYS B 51 -27.52 -2.00 -6.15
C CYS B 51 -27.61 -3.32 -5.41
N LYS B 52 -26.80 -4.30 -5.80
CA LYS B 52 -26.73 -5.57 -5.03
C LYS B 52 -25.43 -5.62 -4.25
N VAL B 53 -25.52 -6.20 -3.06
CA VAL B 53 -24.38 -6.41 -2.13
C VAL B 53 -24.13 -7.91 -2.15
N TRP B 54 -22.89 -8.31 -2.38
CA TRP B 54 -22.50 -9.75 -2.52
C TRP B 54 -21.44 -10.08 -1.49
N ASN B 55 -21.59 -11.25 -0.87
CA ASN B 55 -20.62 -11.80 0.10
C ASN B 55 -19.57 -12.56 -0.71
N LEU B 56 -18.33 -12.09 -0.74
CA LEU B 56 -17.27 -12.72 -1.56
C LEU B 56 -16.82 -14.04 -0.89
N VAL B 57 -17.18 -14.26 0.37
CA VAL B 57 -16.85 -15.55 1.07
C VAL B 57 -17.81 -16.64 0.57
N THR B 58 -19.11 -16.35 0.54
CA THR B 58 -20.15 -17.35 0.20
C THR B 58 -20.48 -17.27 -1.30
N GLY B 59 -20.07 -16.19 -1.97
CA GLY B 59 -20.37 -15.92 -3.38
C GLY B 59 -21.84 -15.60 -3.60
N GLN B 60 -22.61 -15.37 -2.53
CA GLN B 60 -24.08 -15.16 -2.58
C GLN B 60 -24.37 -13.67 -2.55
N GLU B 61 -25.37 -13.23 -3.31
CA GLU B 61 -26.08 -11.94 -3.12
C GLU B 61 -26.66 -11.91 -1.70
N ILE B 62 -26.37 -10.88 -0.90
CA ILE B 62 -26.86 -10.81 0.51
C ILE B 62 -27.90 -9.69 0.70
N MET B 63 -28.05 -8.75 -0.24
CA MET B 63 -29.26 -7.88 -0.25
C MET B 63 -29.26 -6.99 -1.50
N SER B 64 -30.41 -6.36 -1.72
CA SER B 64 -30.71 -5.49 -2.88
C SER B 64 -31.17 -4.13 -2.36
N LEU B 65 -30.52 -3.06 -2.82
CA LEU B 65 -30.86 -1.65 -2.46
C LEU B 65 -31.66 -1.06 -3.62
N GLY B 66 -32.93 -0.76 -3.38
CA GLY B 66 -33.88 -0.26 -4.40
C GLY B 66 -34.27 1.18 -4.16
N GLY B 67 -35.49 1.53 -4.58
CA GLY B 67 -36.02 2.90 -4.50
C GLY B 67 -35.20 3.89 -5.31
N HIS B 68 -34.61 3.45 -6.42
CA HIS B 68 -33.87 4.36 -7.33
C HIS B 68 -34.78 4.79 -8.47
N PRO B 69 -34.85 6.09 -8.83
CA PRO B 69 -35.70 6.52 -9.92
C PRO B 69 -35.31 5.95 -11.29
N ASN B 70 -34.03 5.62 -11.49
CA ASN B 70 -33.53 5.17 -12.80
C ASN B 70 -32.27 4.31 -12.58
N ASN B 71 -31.44 4.21 -13.61
CA ASN B 71 -30.16 3.45 -13.58
C ASN B 71 -29.40 3.77 -12.28
N VAL B 72 -28.77 2.78 -11.67
CA VAL B 72 -27.73 3.02 -10.62
C VAL B 72 -26.38 3.10 -11.33
N VAL B 73 -25.87 4.32 -11.49
CA VAL B 73 -24.75 4.63 -12.41
C VAL B 73 -23.40 4.55 -11.70
N SER B 74 -23.37 4.63 -10.38
CA SER B 74 -22.13 4.63 -9.59
C SER B 74 -22.48 4.12 -8.18
N VAL B 75 -21.61 3.29 -7.62
N VAL B 75 -21.58 3.33 -7.61
CA VAL B 75 -21.74 2.76 -6.22
CA VAL B 75 -21.72 2.80 -6.22
C VAL B 75 -20.36 2.79 -5.57
C VAL B 75 -20.34 2.78 -5.56
N LYS B 76 -20.29 3.22 -4.30
CA LYS B 76 -19.05 3.22 -3.53
C LYS B 76 -19.40 2.80 -2.11
N TYR B 77 -18.60 1.92 -1.56
CA TYR B 77 -18.70 1.49 -0.14
C TYR B 77 -17.59 2.12 0.67
N CYS B 78 -17.94 2.67 1.84
CA CYS B 78 -16.93 3.13 2.82
C CYS B 78 -16.71 2.05 3.88
N ASN B 79 -15.53 1.43 3.87
CA ASN B 79 -15.10 0.37 4.81
C ASN B 79 -15.22 0.86 6.26
N TYR B 80 -14.77 2.10 6.52
CA TYR B 80 -14.67 2.73 7.87
C TYR B 80 -16.04 2.81 8.55
N THR B 81 -17.06 3.26 7.82
CA THR B 81 -18.43 3.54 8.35
C THR B 81 -19.42 2.46 7.93
N SER B 82 -19.04 1.56 7.03
CA SER B 82 -19.93 0.49 6.50
C SER B 82 -21.14 1.11 5.78
N LEU B 83 -20.98 2.31 5.21
CA LEU B 83 -22.08 2.96 4.46
C LEU B 83 -21.92 2.69 2.97
N VAL B 84 -23.03 2.42 2.29
CA VAL B 84 -23.05 2.30 0.81
C VAL B 84 -23.62 3.60 0.26
N PHE B 85 -22.95 4.16 -0.75
CA PHE B 85 -23.44 5.33 -1.51
C PHE B 85 -23.86 4.86 -2.90
N THR B 86 -25.11 5.06 -3.27
CA THR B 86 -25.63 4.70 -4.60
C THR B 86 -26.09 5.97 -5.31
N VAL B 87 -25.92 6.02 -6.62
CA VAL B 87 -26.22 7.22 -7.44
C VAL B 87 -27.30 6.86 -8.45
N SER B 88 -28.34 7.68 -8.54
CA SER B 88 -29.41 7.52 -9.55
C SER B 88 -30.01 8.90 -9.79
N THR B 89 -30.22 9.25 -11.06
CA THR B 89 -30.62 10.60 -11.53
C THR B 89 -29.86 11.66 -10.73
N SER B 90 -30.56 12.54 -10.02
CA SER B 90 -29.94 13.70 -9.32
C SER B 90 -29.72 13.39 -7.84
N TYR B 91 -29.63 12.11 -7.47
CA TYR B 91 -29.61 11.69 -6.05
C TYR B 91 -28.42 10.79 -5.72
N ILE B 92 -27.95 10.93 -4.49
CA ILE B 92 -27.06 9.95 -3.82
C ILE B 92 -27.78 9.42 -2.58
N LYS B 93 -28.02 8.12 -2.53
CA LYS B 93 -28.67 7.45 -1.38
C LYS B 93 -27.57 6.88 -0.50
N VAL B 94 -27.67 7.09 0.81
CA VAL B 94 -26.67 6.66 1.82
C VAL B 94 -27.32 5.52 2.60
N TRP B 95 -26.70 4.33 2.60
CA TRP B 95 -27.34 3.09 3.13
C TRP B 95 -26.56 2.50 4.30
N ASP B 96 -27.32 2.14 5.35
CA ASP B 96 -26.97 1.22 6.47
C ASP B 96 -27.41 -0.20 6.08
N ILE B 97 -26.46 -1.09 5.80
CA ILE B 97 -26.73 -2.46 5.26
C ILE B 97 -26.37 -3.52 6.32
N ARG B 98 -26.39 -3.17 7.61
CA ARG B 98 -26.08 -4.14 8.69
C ARG B 98 -26.99 -5.36 8.57
N ASP B 99 -28.30 -5.15 8.40
CA ASP B 99 -29.32 -6.24 8.38
C ASP B 99 -30.08 -6.24 7.04
N SER B 100 -30.54 -5.07 6.61
CA SER B 100 -31.44 -4.89 5.45
C SER B 100 -31.11 -3.56 4.75
N ALA B 101 -31.80 -3.29 3.66
CA ALA B 101 -31.60 -2.10 2.81
C ALA B 101 -32.23 -0.88 3.49
N LYS B 102 -31.49 -0.21 4.37
CA LYS B 102 -31.97 0.98 5.14
C LYS B 102 -31.31 2.26 4.62
N CYS B 103 -32.09 3.11 3.96
CA CYS B 103 -31.62 4.40 3.41
C CYS B 103 -31.67 5.46 4.51
N ILE B 104 -30.52 5.88 5.02
CA ILE B 104 -30.48 6.76 6.22
C ILE B 104 -30.64 8.22 5.77
N ARG B 105 -30.28 8.53 4.52
CA ARG B 105 -30.15 9.93 4.07
C ARG B 105 -30.06 9.98 2.54
N THR B 106 -30.50 11.09 1.95
CA THR B 106 -30.49 11.29 0.49
C THR B 106 -29.83 12.64 0.22
N LEU B 107 -28.80 12.64 -0.62
CA LEU B 107 -28.10 13.86 -1.05
C LEU B 107 -28.56 14.19 -2.47
N THR B 108 -28.56 15.47 -2.84
CA THR B 108 -28.93 15.88 -4.21
C THR B 108 -27.76 16.52 -4.95
N SER B 109 -27.90 16.60 -6.27
CA SER B 109 -26.86 17.18 -7.14
C SER B 109 -26.59 18.65 -6.73
N SER B 110 -27.61 19.35 -6.21
CA SER B 110 -27.50 20.78 -5.85
C SER B 110 -27.00 20.96 -4.41
N GLY B 111 -26.77 19.89 -3.66
CA GLY B 111 -26.23 20.00 -2.30
C GLY B 111 -27.29 19.91 -1.22
N GLN B 112 -28.55 19.66 -1.56
CA GLN B 112 -29.59 19.48 -0.53
C GLN B 112 -29.43 18.10 0.14
N VAL B 113 -29.85 17.98 1.39
CA VAL B 113 -29.72 16.72 2.17
C VAL B 113 -31.05 16.51 2.89
N THR B 114 -31.56 15.28 2.87
CA THR B 114 -32.79 14.93 3.62
C THR B 114 -32.56 13.63 4.40
N LEU B 115 -33.21 13.48 5.55
CA LEU B 115 -33.26 12.19 6.29
C LEU B 115 -34.07 11.17 5.50
N GLY B 116 -33.64 9.90 5.55
CA GLY B 116 -34.33 8.79 4.89
C GLY B 116 -34.26 8.87 3.38
N ASP B 117 -35.30 8.37 2.73
CA ASP B 117 -35.37 8.09 1.28
C ASP B 117 -36.21 9.18 0.60
N ALA B 118 -35.56 10.12 -0.08
CA ALA B 118 -36.23 11.24 -0.78
C ALA B 118 -36.61 10.84 -2.22
N CYS B 119 -36.36 9.59 -2.63
CA CYS B 119 -36.73 9.02 -3.95
C CYS B 119 -37.98 8.14 -3.83
N VAL B 127 -40.28 11.05 -14.49
CA VAL B 127 -40.02 12.32 -13.75
C VAL B 127 -38.78 13.00 -14.34
N ALA B 128 -38.95 14.18 -14.94
CA ALA B 128 -37.85 15.02 -15.44
C ALA B 128 -37.07 15.53 -14.23
N ILE B 129 -35.74 15.49 -14.29
CA ILE B 129 -34.86 16.12 -13.27
C ILE B 129 -35.18 17.60 -13.28
N PRO B 130 -35.62 18.19 -12.14
CA PRO B 130 -36.08 19.58 -12.12
C PRO B 130 -34.94 20.59 -12.33
N SER B 131 -35.29 21.80 -12.75
CA SER B 131 -34.34 22.94 -12.87
C SER B 131 -33.54 23.03 -11.57
N GLY B 132 -32.27 23.37 -11.66
CA GLY B 132 -31.35 23.47 -10.51
C GLY B 132 -30.74 22.12 -10.13
N GLU B 133 -31.23 21.02 -10.70
CA GLU B 133 -30.61 19.68 -10.50
C GLU B 133 -30.06 19.18 -11.83
N ASN B 134 -29.12 18.25 -11.75
CA ASN B 134 -28.51 17.59 -12.92
C ASN B 134 -28.34 16.11 -12.59
N GLN B 135 -28.33 15.26 -13.61
CA GLN B 135 -27.88 13.85 -13.47
C GLN B 135 -26.51 13.86 -12.80
N ILE B 136 -26.32 13.01 -11.79
CA ILE B 136 -24.99 12.73 -11.20
C ILE B 136 -24.41 11.55 -11.97
N ASN B 137 -23.23 11.73 -12.56
CA ASN B 137 -22.67 10.72 -13.47
C ASN B 137 -21.81 9.71 -12.71
N GLN B 138 -21.12 10.14 -11.67
CA GLN B 138 -20.19 9.26 -10.94
C GLN B 138 -19.85 9.90 -9.60
N ILE B 139 -19.57 9.09 -8.60
CA ILE B 139 -19.03 9.57 -7.31
C ILE B 139 -17.67 8.92 -7.07
N ALA B 140 -16.92 9.52 -6.17
CA ALA B 140 -15.66 8.96 -5.67
C ALA B 140 -15.54 9.31 -4.19
N LEU B 141 -15.05 8.37 -3.38
CA LEU B 141 -14.64 8.64 -2.00
C LEU B 141 -13.15 8.91 -1.96
N ASN B 142 -12.71 9.69 -1.00
CA ASN B 142 -11.27 9.79 -0.68
C ASN B 142 -10.89 8.52 0.09
N PRO B 143 -9.59 8.19 0.16
CA PRO B 143 -9.14 6.96 0.78
C PRO B 143 -9.55 6.80 2.26
N THR B 144 -9.78 7.92 2.97
CA THR B 144 -10.15 7.95 4.41
C THR B 144 -11.67 7.90 4.61
N GLY B 145 -12.48 8.00 3.54
CA GLY B 145 -13.94 8.00 3.62
C GLY B 145 -14.48 9.24 4.33
N THR B 146 -13.73 10.34 4.33
CA THR B 146 -14.12 11.61 5.01
C THR B 146 -14.78 12.58 4.02
N PHE B 147 -14.54 12.41 2.71
CA PHE B 147 -15.13 13.25 1.66
C PHE B 147 -15.60 12.36 0.51
N LEU B 148 -16.71 12.78 -0.09
CA LEU B 148 -17.30 12.23 -1.32
C LEU B 148 -17.31 13.36 -2.34
N TYR B 149 -17.00 13.02 -3.58
CA TYR B 149 -16.95 13.96 -4.71
C TYR B 149 -17.96 13.45 -5.75
N ALA B 150 -18.88 14.31 -6.17
CA ALA B 150 -20.02 13.90 -7.04
C ALA B 150 -20.04 14.72 -8.34
N ALA B 151 -19.75 14.06 -9.46
CA ALA B 151 -19.71 14.67 -10.79
C ALA B 151 -21.14 14.85 -11.29
N SER B 152 -21.58 16.09 -11.49
N SER B 152 -21.48 16.07 -11.67
CA SER B 152 -22.89 16.39 -12.11
CA SER B 152 -22.85 16.41 -12.10
C SER B 152 -22.79 17.69 -12.89
C SER B 152 -22.80 17.72 -12.89
N GLY B 153 -23.44 17.76 -14.05
CA GLY B 153 -23.27 18.90 -14.95
C GLY B 153 -21.80 19.13 -15.20
N ASN B 154 -21.35 20.38 -15.24
CA ASN B 154 -19.94 20.69 -15.61
C ASN B 154 -19.07 20.86 -14.36
N ALA B 155 -19.45 20.25 -13.24
CA ALA B 155 -18.75 20.47 -11.97
C ALA B 155 -18.72 19.20 -11.14
N VAL B 156 -17.97 19.25 -10.04
CA VAL B 156 -17.91 18.15 -9.05
C VAL B 156 -18.23 18.72 -7.69
N ARG B 157 -19.31 18.25 -7.09
CA ARG B 157 -19.72 18.71 -5.74
C ARG B 157 -18.89 17.99 -4.68
N MET B 158 -18.40 18.74 -3.69
CA MET B 158 -17.65 18.21 -2.53
C MET B 158 -18.62 18.01 -1.37
N TRP B 159 -18.52 16.84 -0.72
CA TRP B 159 -19.36 16.45 0.44
C TRP B 159 -18.47 16.05 1.61
N ASP B 160 -18.60 16.75 2.73
CA ASP B 160 -18.04 16.36 4.04
C ASP B 160 -18.89 15.20 4.59
N LEU B 161 -18.34 13.99 4.67
CA LEU B 161 -19.09 12.79 5.09
C LEU B 161 -19.17 12.69 6.63
N LYS B 162 -18.38 13.46 7.36
CA LYS B 162 -18.56 13.59 8.84
C LYS B 162 -19.87 14.35 9.09
N ARG B 163 -20.11 15.41 8.31
CA ARG B 163 -21.25 16.35 8.52
C ARG B 163 -22.45 16.00 7.62
N PHE B 164 -22.25 15.22 6.56
CA PHE B 164 -23.23 15.04 5.46
C PHE B 164 -23.73 16.41 5.00
N GLN B 165 -22.79 17.29 4.68
CA GLN B 165 -23.04 18.65 4.18
C GLN B 165 -22.05 18.92 3.06
N SER B 166 -22.48 19.66 2.05
CA SER B 166 -21.62 20.03 0.91
C SER B 166 -20.77 21.24 1.31
N THR B 167 -19.52 21.26 0.86
CA THR B 167 -18.56 22.34 1.19
C THR B 167 -18.33 23.23 -0.02
N GLY B 168 -18.62 22.76 -1.24
CA GLY B 168 -18.26 23.53 -2.43
C GLY B 168 -18.27 22.68 -3.67
N LYS B 169 -17.63 23.15 -4.73
N LYS B 169 -17.66 23.19 -4.74
CA LYS B 169 -17.63 22.43 -6.03
CA LYS B 169 -17.66 22.58 -6.08
C LYS B 169 -16.38 22.77 -6.83
C LYS B 169 -16.28 22.74 -6.71
N LEU B 170 -15.92 21.78 -7.58
CA LEU B 170 -14.73 21.85 -8.46
C LEU B 170 -15.25 22.24 -9.86
N THR B 171 -14.81 23.37 -10.40
CA THR B 171 -15.30 23.89 -11.69
C THR B 171 -14.15 24.03 -12.68
N GLY B 172 -14.49 24.28 -13.94
CA GLY B 172 -13.49 24.52 -15.00
C GLY B 172 -13.81 23.80 -16.28
N HIS B 173 -14.47 22.64 -16.23
N HIS B 173 -14.65 22.78 -16.18
CA HIS B 173 -14.77 21.89 -17.48
CA HIS B 173 -15.08 21.90 -17.29
C HIS B 173 -15.85 22.65 -18.27
C HIS B 173 -15.98 22.65 -18.27
N LEU B 174 -15.85 22.42 -19.57
CA LEU B 174 -16.74 23.07 -20.57
C LEU B 174 -17.87 22.12 -20.98
N GLY B 175 -17.89 20.90 -20.45
CA GLY B 175 -18.94 19.93 -20.71
C GLY B 175 -19.08 19.00 -19.52
N PRO B 176 -20.14 18.17 -19.51
CA PRO B 176 -20.44 17.33 -18.34
C PRO B 176 -19.24 16.51 -17.88
N VAL B 177 -19.09 16.44 -16.56
CA VAL B 177 -18.06 15.59 -15.91
C VAL B 177 -18.60 14.17 -15.82
N MET B 178 -18.00 13.24 -16.54
CA MET B 178 -18.55 11.88 -16.70
C MET B 178 -17.89 10.91 -15.73
N CYS B 179 -16.66 11.20 -15.29
CA CYS B 179 -15.93 10.27 -14.42
C CYS B 179 -14.93 11.05 -13.57
N LEU B 180 -14.48 10.43 -12.50
CA LEU B 180 -13.51 11.07 -11.60
C LEU B 180 -12.89 9.98 -10.74
N THR B 181 -11.75 10.31 -10.17
CA THR B 181 -11.11 9.40 -9.20
C THR B 181 -10.28 10.26 -8.25
N VAL B 182 -10.05 9.76 -7.03
CA VAL B 182 -9.50 10.57 -5.91
C VAL B 182 -8.34 9.82 -5.28
N ASP B 183 -7.29 10.55 -4.95
CA ASP B 183 -6.19 10.04 -4.11
C ASP B 183 -6.01 11.05 -2.98
N GLN B 184 -5.13 10.74 -2.04
CA GLN B 184 -4.80 11.65 -0.93
C GLN B 184 -3.28 11.65 -0.84
N ILE B 185 -2.66 12.83 -0.95
CA ILE B 185 -1.18 12.94 -1.12
C ILE B 185 -0.55 13.32 0.22
N SER B 186 -1.31 13.88 1.16
CA SER B 186 -0.86 14.17 2.53
C SER B 186 -2.09 14.32 3.43
N SER B 187 -1.90 14.51 4.74
CA SER B 187 -3.02 14.56 5.72
C SER B 187 -4.00 15.67 5.31
N GLY B 188 -5.26 15.31 5.06
CA GLY B 188 -6.35 16.25 4.72
C GLY B 188 -6.11 16.97 3.41
N GLN B 189 -5.35 16.37 2.50
N GLN B 189 -5.33 16.37 2.51
CA GLN B 189 -5.06 16.96 1.16
CA GLN B 189 -5.04 16.93 1.16
C GLN B 189 -5.48 15.95 0.09
C GLN B 189 -5.49 15.93 0.10
N ASP B 190 -6.63 16.20 -0.54
CA ASP B 190 -7.22 15.33 -1.57
C ASP B 190 -6.79 15.77 -2.96
N LEU B 191 -6.50 14.80 -3.80
CA LEU B 191 -6.23 15.00 -5.23
C LEU B 191 -7.41 14.44 -6.01
N ILE B 192 -8.17 15.31 -6.66
CA ILE B 192 -9.36 14.88 -7.44
C ILE B 192 -9.05 15.03 -8.92
N ILE B 193 -9.19 13.93 -9.64
CA ILE B 193 -8.97 13.89 -11.11
C ILE B 193 -10.32 13.73 -11.78
N THR B 194 -10.65 14.64 -12.68
CA THR B 194 -11.96 14.64 -13.36
C THR B 194 -11.78 14.38 -14.87
N GLY B 195 -12.79 13.76 -15.46
CA GLY B 195 -12.84 13.49 -16.90
C GLY B 195 -14.15 13.97 -17.48
N SER B 196 -14.09 14.71 -18.58
CA SER B 196 -15.26 15.44 -19.11
C SER B 196 -15.58 15.04 -20.55
N LYS B 197 -16.84 15.27 -20.92
CA LYS B 197 -17.29 15.25 -22.32
C LYS B 197 -16.52 16.27 -23.15
N ASP B 198 -15.87 17.26 -22.53
CA ASP B 198 -15.07 18.28 -23.25
C ASP B 198 -13.70 17.72 -23.68
N HIS B 199 -13.40 16.44 -23.41
CA HIS B 199 -12.19 15.70 -23.89
C HIS B 199 -11.02 15.82 -22.91
N TYR B 200 -11.14 16.65 -21.87
CA TYR B 200 -10.00 16.96 -20.98
C TYR B 200 -10.12 16.23 -19.65
N ILE B 201 -8.92 16.05 -19.09
CA ILE B 201 -8.70 15.58 -17.71
C ILE B 201 -8.17 16.76 -16.90
N LYS B 202 -8.74 17.00 -15.73
CA LYS B 202 -8.29 18.10 -14.86
C LYS B 202 -7.91 17.53 -13.50
N MET B 203 -7.08 18.26 -12.79
CA MET B 203 -6.62 17.90 -11.44
C MET B 203 -7.00 19.03 -10.50
N PHE B 204 -7.53 18.68 -9.33
CA PHE B 204 -7.83 19.61 -8.23
C PHE B 204 -7.10 19.11 -7.00
N ASP B 205 -6.37 19.99 -6.33
N ASP B 205 -6.29 19.99 -6.41
CA ASP B 205 -5.56 19.67 -5.12
CA ASP B 205 -5.59 19.79 -5.12
C ASP B 205 -6.18 20.46 -3.97
C ASP B 205 -6.38 20.55 -4.06
N VAL B 206 -7.05 19.82 -3.18
CA VAL B 206 -7.99 20.48 -2.22
C VAL B 206 -7.66 20.08 -0.78
N THR B 207 -7.49 21.08 0.09
CA THR B 207 -7.29 20.89 1.55
C THR B 207 -8.63 20.59 2.23
N GLU B 208 -8.61 19.63 3.16
CA GLU B 208 -9.76 19.21 4.01
C GLU B 208 -10.66 20.42 4.28
N GLY B 209 -11.89 20.38 3.75
CA GLY B 209 -12.99 21.28 4.10
C GLY B 209 -12.86 22.70 3.56
N ALA B 210 -11.97 22.94 2.59
CA ALA B 210 -11.95 24.20 1.78
C ALA B 210 -13.37 24.46 1.30
N LEU B 211 -13.76 25.74 1.15
CA LEU B 211 -15.17 26.11 0.86
C LEU B 211 -15.32 26.79 -0.52
N GLY B 212 -16.47 26.58 -1.14
CA GLY B 212 -16.91 27.35 -2.31
C GLY B 212 -16.39 26.76 -3.61
N THR B 213 -16.22 27.61 -4.61
CA THR B 213 -15.78 27.20 -5.97
C THR B 213 -14.26 27.06 -5.95
N VAL B 214 -13.77 25.93 -6.42
CA VAL B 214 -12.33 25.60 -6.56
C VAL B 214 -12.03 25.42 -8.04
N SER B 215 -11.07 26.20 -8.56
N SER B 215 -11.07 26.21 -8.57
CA SER B 215 -10.61 26.10 -9.96
CA SER B 215 -10.58 26.14 -9.95
C SER B 215 -9.51 25.04 -10.07
C SER B 215 -9.51 25.05 -10.07
N PRO B 216 -9.23 24.53 -11.29
CA PRO B 216 -8.24 23.47 -11.44
C PRO B 216 -6.83 23.88 -11.02
N THR B 217 -6.14 22.93 -10.41
CA THR B 217 -4.68 22.98 -10.17
C THR B 217 -3.96 22.78 -11.50
N HIS B 218 -4.49 21.91 -12.38
CA HIS B 218 -3.83 21.54 -13.65
C HIS B 218 -4.86 21.06 -14.66
N ASN B 219 -4.70 21.49 -15.89
CA ASN B 219 -5.42 21.01 -17.08
C ASN B 219 -4.47 20.16 -17.92
N PHE B 220 -4.71 18.86 -18.01
CA PHE B 220 -3.80 17.95 -18.73
C PHE B 220 -3.90 18.22 -20.23
N GLU B 221 -2.74 18.27 -20.89
CA GLU B 221 -2.64 18.42 -22.36
C GLU B 221 -1.69 17.34 -22.84
N PRO B 222 -1.98 16.67 -23.97
CA PRO B 222 -3.13 16.98 -24.81
C PRO B 222 -4.41 16.33 -24.31
N PRO B 223 -5.58 16.87 -24.68
CA PRO B 223 -6.84 16.19 -24.42
C PRO B 223 -6.88 14.91 -25.27
N HIS B 224 -7.75 13.98 -24.90
CA HIS B 224 -8.23 12.94 -25.84
C HIS B 224 -9.00 13.60 -26.98
N TYR B 225 -9.35 12.85 -28.02
CA TYR B 225 -10.07 13.41 -29.19
C TYR B 225 -11.59 13.35 -28.98
N ASP B 226 -12.02 12.74 -27.87
CA ASP B 226 -13.45 12.59 -27.53
C ASP B 226 -13.53 12.47 -26.01
N GLY B 227 -14.74 12.35 -25.50
CA GLY B 227 -15.03 12.40 -24.05
C GLY B 227 -14.20 11.40 -23.26
N ILE B 228 -13.90 11.75 -22.02
CA ILE B 228 -13.20 10.85 -21.07
C ILE B 228 -14.24 9.92 -20.45
N GLU B 229 -13.94 8.62 -20.43
CA GLU B 229 -14.90 7.60 -19.90
C GLU B 229 -14.34 6.87 -18.69
N ALA B 230 -13.02 6.80 -18.50
CA ALA B 230 -12.42 6.01 -17.41
C ALA B 230 -11.15 6.70 -16.93
N LEU B 231 -10.90 6.60 -15.65
CA LEU B 231 -9.70 7.12 -14.96
C LEU B 231 -9.34 6.15 -13.85
N THR B 232 -8.06 5.84 -13.68
CA THR B 232 -7.61 5.05 -12.53
C THR B 232 -6.19 5.48 -12.17
N ILE B 233 -5.90 5.50 -10.88
CA ILE B 233 -4.58 5.92 -10.32
C ILE B 233 -3.86 4.71 -9.74
N GLN B 234 -2.57 4.59 -10.04
CA GLN B 234 -1.64 3.67 -9.32
C GLN B 234 -0.39 4.47 -8.93
N GLY B 235 -0.20 4.71 -7.65
CA GLY B 235 0.94 5.52 -7.19
C GLY B 235 0.89 6.91 -7.79
N ASP B 236 1.97 7.31 -8.46
CA ASP B 236 2.12 8.66 -9.08
C ASP B 236 1.46 8.65 -10.45
N ASN B 237 0.95 7.52 -10.92
CA ASN B 237 0.52 7.40 -12.34
C ASN B 237 -1.00 7.40 -12.47
N LEU B 238 -1.47 8.09 -13.49
CA LEU B 238 -2.90 8.16 -13.84
C LEU B 238 -3.07 7.55 -15.22
N PHE B 239 -4.05 6.67 -15.39
CA PHE B 239 -4.41 6.09 -16.69
C PHE B 239 -5.79 6.59 -17.08
N SER B 240 -5.93 6.99 -18.34
CA SER B 240 -7.20 7.55 -18.88
C SER B 240 -7.66 6.74 -20.08
N GLY B 241 -8.97 6.62 -20.21
CA GLY B 241 -9.63 5.95 -21.35
C GLY B 241 -10.76 6.80 -21.86
N SER B 242 -10.98 6.76 -23.17
CA SER B 242 -11.82 7.75 -23.86
C SER B 242 -12.75 7.09 -24.89
N ARG B 243 -13.79 7.84 -25.25
CA ARG B 243 -14.61 7.59 -26.45
C ARG B 243 -13.77 7.66 -27.73
N ASP B 244 -12.53 8.18 -27.68
CA ASP B 244 -11.63 8.17 -28.87
C ASP B 244 -10.98 6.79 -29.04
N ASN B 245 -11.32 5.83 -28.17
CA ASN B 245 -10.85 4.42 -28.23
C ASN B 245 -9.39 4.32 -27.80
N GLY B 246 -8.83 5.40 -27.23
CA GLY B 246 -7.43 5.48 -26.81
C GLY B 246 -7.24 5.48 -25.31
N ILE B 247 -6.02 5.17 -24.90
CA ILE B 247 -5.60 5.23 -23.49
C ILE B 247 -4.37 6.13 -23.39
N LYS B 248 -4.18 6.72 -22.21
CA LYS B 248 -2.97 7.49 -21.90
C LYS B 248 -2.51 7.20 -20.48
N LYS B 249 -1.22 7.43 -20.27
CA LYS B 249 -0.55 7.37 -18.96
C LYS B 249 0.05 8.74 -18.64
N TRP B 250 -0.28 9.24 -17.46
CA TRP B 250 0.14 10.57 -16.95
C TRP B 250 0.92 10.42 -15.65
N ASP B 251 1.87 11.30 -15.43
CA ASP B 251 2.55 11.45 -14.13
C ASP B 251 1.84 12.57 -13.36
N LEU B 252 1.20 12.21 -12.25
CA LEU B 252 0.42 13.18 -11.43
C LEU B 252 1.34 14.17 -10.73
N THR B 253 2.54 13.74 -10.31
CA THR B 253 3.47 14.64 -9.58
C THR B 253 4.08 15.67 -10.53
N GLN B 254 4.47 15.23 -11.72
CA GLN B 254 5.11 16.14 -12.70
C GLN B 254 4.07 16.76 -13.64
N LYS B 255 2.80 16.37 -13.52
CA LYS B 255 1.70 16.94 -14.35
C LYS B 255 2.07 16.79 -15.84
N ASP B 256 2.33 15.57 -16.28
CA ASP B 256 3.02 15.33 -17.57
C ASP B 256 2.51 14.04 -18.22
N LEU B 257 2.32 14.08 -19.53
CA LEU B 257 2.02 12.86 -20.31
C LEU B 257 3.25 11.97 -20.38
N LEU B 258 3.12 10.67 -20.05
CA LEU B 258 4.22 9.69 -20.18
C LEU B 258 4.05 8.83 -21.42
N GLN B 259 2.87 8.27 -21.66
CA GLN B 259 2.67 7.32 -22.76
C GLN B 259 1.26 7.48 -23.32
N GLN B 260 1.05 7.08 -24.57
CA GLN B 260 -0.30 7.04 -25.14
C GLN B 260 -0.39 5.89 -26.15
N VAL B 261 -1.56 5.28 -26.21
CA VAL B 261 -1.94 4.32 -27.27
C VAL B 261 -3.24 4.80 -27.89
N PRO B 262 -3.15 5.49 -29.05
CA PRO B 262 -4.33 5.77 -29.85
C PRO B 262 -4.90 4.45 -30.39
N ASN B 263 -6.23 4.36 -30.49
CA ASN B 263 -6.91 3.16 -31.06
C ASN B 263 -6.42 1.92 -30.30
N ALA B 264 -6.30 2.06 -28.98
CA ALA B 264 -5.97 0.94 -28.08
C ALA B 264 -7.02 -0.17 -28.25
N HIS B 265 -8.28 0.20 -28.37
CA HIS B 265 -9.41 -0.71 -28.67
C HIS B 265 -10.11 -0.24 -29.96
N LYS B 266 -11.04 -1.03 -30.46
CA LYS B 266 -11.84 -0.67 -31.64
C LYS B 266 -13.14 0.02 -31.20
N ASP B 267 -13.29 0.25 -29.88
CA ASP B 267 -14.53 0.80 -29.28
C ASP B 267 -14.14 1.65 -28.07
N TRP B 268 -15.06 2.44 -27.54
CA TRP B 268 -14.83 3.32 -26.38
C TRP B 268 -14.17 2.55 -25.24
N VAL B 269 -13.14 3.12 -24.64
CA VAL B 269 -12.49 2.50 -23.46
C VAL B 269 -13.15 3.08 -22.22
N CYS B 270 -14.02 2.28 -21.60
N CYS B 270 -14.06 2.35 -21.58
CA CYS B 270 -14.97 2.72 -20.56
CA CYS B 270 -14.87 2.92 -20.47
C CYS B 270 -14.59 2.18 -19.18
C CYS B 270 -14.56 2.22 -19.15
N ALA B 271 -13.50 1.42 -19.08
CA ALA B 271 -13.12 0.74 -17.83
C ALA B 271 -11.62 0.53 -17.82
N LEU B 272 -10.99 0.87 -16.70
CA LEU B 272 -9.55 0.67 -16.47
C LEU B 272 -9.33 0.20 -15.04
N GLY B 273 -8.39 -0.72 -14.86
CA GLY B 273 -7.92 -1.04 -13.50
C GLY B 273 -6.58 -1.73 -13.56
N VAL B 274 -5.80 -1.60 -12.50
CA VAL B 274 -4.47 -2.25 -12.43
C VAL B 274 -4.67 -3.66 -11.86
N VAL B 275 -4.09 -4.65 -12.53
CA VAL B 275 -4.17 -6.05 -12.03
C VAL B 275 -3.45 -6.08 -10.68
N PRO B 276 -4.06 -6.57 -9.58
N PRO B 276 -4.11 -6.60 -9.62
CA PRO B 276 -3.48 -6.34 -8.24
CA PRO B 276 -3.45 -6.82 -8.34
C PRO B 276 -2.03 -6.78 -8.01
C PRO B 276 -2.16 -7.64 -8.52
N ASP B 277 -1.62 -7.92 -8.57
N ASP B 277 -1.03 -7.00 -8.19
CA ASP B 277 -0.34 -8.59 -8.20
CA ASP B 277 0.29 -7.66 -7.98
C ASP B 277 0.70 -8.47 -9.34
C ASP B 277 0.78 -8.31 -9.28
N HIS B 278 0.39 -7.75 -10.43
CA HIS B 278 1.18 -7.77 -11.68
C HIS B 278 1.23 -6.35 -12.20
N PRO B 279 2.39 -5.88 -12.74
CA PRO B 279 2.54 -4.47 -13.11
C PRO B 279 1.94 -4.21 -14.48
N VAL B 280 0.65 -4.50 -14.60
CA VAL B 280 -0.07 -4.36 -15.89
C VAL B 280 -1.40 -3.65 -15.66
N LEU B 281 -1.76 -2.87 -16.67
CA LEU B 281 -3.08 -2.19 -16.76
C LEU B 281 -4.06 -3.07 -17.54
N LEU B 282 -5.26 -3.24 -17.01
CA LEU B 282 -6.40 -3.86 -17.72
C LEU B 282 -7.32 -2.76 -18.26
N SER B 283 -7.63 -2.82 -19.55
CA SER B 283 -8.62 -1.92 -20.19
C SER B 283 -9.77 -2.76 -20.76
N GLY B 284 -10.97 -2.22 -20.69
CA GLY B 284 -12.18 -2.87 -21.20
C GLY B 284 -12.97 -1.90 -22.05
N CYS B 285 -13.51 -2.37 -23.16
CA CYS B 285 -14.20 -1.49 -24.14
C CYS B 285 -15.66 -1.93 -24.36
N ARG B 286 -16.40 -1.09 -25.10
CA ARG B 286 -17.81 -1.34 -25.43
C ARG B 286 -17.91 -2.51 -26.43
N GLY B 287 -16.78 -3.02 -26.94
CA GLY B 287 -16.72 -4.29 -27.71
C GLY B 287 -16.58 -5.54 -26.85
N GLY B 288 -16.47 -5.39 -25.52
CA GLY B 288 -16.36 -6.54 -24.61
C GLY B 288 -14.96 -7.13 -24.59
N ILE B 289 -13.98 -6.40 -25.12
CA ILE B 289 -12.58 -6.88 -25.21
C ILE B 289 -11.83 -6.35 -23.99
N LEU B 290 -11.04 -7.22 -23.38
CA LEU B 290 -10.06 -6.86 -22.34
C LEU B 290 -8.68 -6.82 -22.97
N LYS B 291 -7.92 -5.78 -22.66
CA LYS B 291 -6.52 -5.69 -23.10
C LYS B 291 -5.64 -5.43 -21.90
N VAL B 292 -4.43 -5.98 -21.95
CA VAL B 292 -3.44 -5.86 -20.87
C VAL B 292 -2.22 -5.13 -21.42
N TRP B 293 -1.73 -4.16 -20.66
CA TRP B 293 -0.62 -3.26 -21.07
C TRP B 293 0.43 -3.25 -19.98
N ASN B 294 1.70 -3.29 -20.36
CA ASN B 294 2.77 -3.05 -19.37
C ASN B 294 2.61 -1.63 -18.84
N MET B 295 2.49 -1.46 -17.52
CA MET B 295 2.24 -0.13 -16.92
C MET B 295 3.43 0.80 -17.17
N ASP B 296 4.65 0.25 -17.25
CA ASP B 296 5.91 1.05 -17.34
C ASP B 296 6.06 1.60 -18.77
N THR B 297 5.85 0.77 -19.80
CA THR B 297 6.17 1.11 -21.21
C THR B 297 4.90 1.31 -22.07
N PHE B 298 3.74 0.85 -21.59
CA PHE B 298 2.47 0.81 -22.38
C PHE B 298 2.60 -0.12 -23.59
N MET B 299 3.61 -0.99 -23.61
CA MET B 299 3.69 -2.03 -24.66
C MET B 299 2.54 -3.00 -24.42
N PRO B 300 1.86 -3.45 -25.50
CA PRO B 300 0.77 -4.42 -25.37
C PRO B 300 1.29 -5.77 -24.85
N VAL B 301 0.55 -6.38 -23.94
CA VAL B 301 0.77 -7.78 -23.48
C VAL B 301 -0.13 -8.69 -24.34
N GLY B 302 -1.40 -8.35 -24.50
CA GLY B 302 -2.33 -9.09 -25.35
C GLY B 302 -3.77 -8.78 -25.03
N GLU B 303 -4.67 -9.42 -25.76
CA GLU B 303 -6.12 -9.16 -25.64
C GLU B 303 -6.85 -10.45 -25.32
N MET B 304 -8.04 -10.34 -24.78
CA MET B 304 -8.93 -11.52 -24.66
C MET B 304 -10.38 -11.05 -24.67
N LYS B 305 -11.30 -11.94 -25.03
CA LYS B 305 -12.73 -11.66 -24.83
C LYS B 305 -13.01 -11.68 -23.32
N GLY B 306 -13.50 -10.57 -22.76
CA GLY B 306 -13.96 -10.55 -21.36
C GLY B 306 -15.40 -11.01 -21.26
N HIS B 307 -16.27 -10.42 -22.06
CA HIS B 307 -17.71 -10.70 -22.09
C HIS B 307 -18.14 -10.74 -23.57
N ASP B 308 -19.26 -11.39 -23.86
CA ASP B 308 -19.90 -11.33 -25.21
C ASP B 308 -20.84 -10.13 -25.24
N SER B 309 -20.41 -9.01 -24.66
N SER B 309 -20.35 -8.97 -24.79
CA SER B 309 -21.25 -7.79 -24.52
CA SER B 309 -21.21 -7.84 -24.34
C SER B 309 -20.35 -6.66 -24.05
C SER B 309 -20.32 -6.65 -24.04
N PRO B 310 -20.81 -5.40 -24.25
CA PRO B 310 -20.06 -4.22 -23.82
C PRO B 310 -19.69 -4.28 -22.34
N ILE B 311 -18.46 -3.88 -22.04
CA ILE B 311 -17.98 -3.74 -20.64
C ILE B 311 -18.20 -2.30 -20.22
N ASN B 312 -18.73 -2.14 -19.01
CA ASN B 312 -19.06 -0.81 -18.44
C ASN B 312 -18.07 -0.38 -17.36
N ALA B 313 -17.43 -1.31 -16.63
CA ALA B 313 -16.70 -0.94 -15.42
C ALA B 313 -15.72 -2.03 -15.02
N ILE B 314 -14.66 -1.61 -14.33
CA ILE B 314 -13.65 -2.51 -13.67
C ILE B 314 -13.43 -1.99 -12.26
N CYS B 315 -13.29 -2.90 -11.30
CA CYS B 315 -12.76 -2.53 -9.97
C CYS B 315 -11.85 -3.64 -9.49
N VAL B 316 -11.15 -3.40 -8.38
CA VAL B 316 -10.14 -4.35 -7.84
C VAL B 316 -10.30 -4.44 -6.33
N ASN B 317 -9.81 -5.53 -5.79
CA ASN B 317 -9.51 -5.67 -4.34
C ASN B 317 -8.06 -6.17 -4.24
N SER B 318 -7.67 -6.76 -3.11
CA SER B 318 -6.26 -7.15 -2.87
C SER B 318 -5.79 -8.22 -3.87
N THR B 319 -6.70 -9.02 -4.39
CA THR B 319 -6.36 -10.30 -5.06
C THR B 319 -7.04 -10.46 -6.41
N HIS B 320 -8.21 -9.85 -6.65
CA HIS B 320 -9.00 -10.09 -7.89
C HIS B 320 -9.35 -8.77 -8.59
N ILE B 321 -9.69 -8.91 -9.87
CA ILE B 321 -10.15 -7.77 -10.69
C ILE B 321 -11.52 -8.18 -11.25
N PHE B 322 -12.43 -7.22 -11.31
CA PHE B 322 -13.87 -7.45 -11.57
C PHE B 322 -14.27 -6.68 -12.81
N THR B 323 -15.07 -7.29 -13.70
CA THR B 323 -15.63 -6.61 -14.90
C THR B 323 -17.15 -6.64 -14.84
N ALA B 324 -17.78 -5.50 -15.11
CA ALA B 324 -19.25 -5.36 -15.18
C ALA B 324 -19.64 -5.16 -16.64
N ALA B 325 -20.69 -5.83 -17.10
CA ALA B 325 -21.06 -5.82 -18.52
C ALA B 325 -22.57 -5.69 -18.74
N ASP B 326 -22.94 -5.38 -19.99
CA ASP B 326 -24.37 -5.28 -20.42
C ASP B 326 -25.06 -6.64 -20.33
N ASP B 327 -24.30 -7.73 -20.23
CA ASP B 327 -24.86 -9.10 -20.13
C ASP B 327 -25.41 -9.39 -18.74
N ARG B 328 -25.51 -8.38 -17.87
CA ARG B 328 -26.20 -8.45 -16.55
C ARG B 328 -25.31 -9.15 -15.51
N THR B 329 -24.03 -9.37 -15.81
CA THR B 329 -23.11 -10.07 -14.88
C THR B 329 -21.91 -9.22 -14.49
N VAL B 330 -21.27 -9.65 -13.41
CA VAL B 330 -19.87 -9.28 -13.08
C VAL B 330 -19.04 -10.55 -13.13
N ARG B 331 -17.95 -10.51 -13.87
CA ARG B 331 -16.95 -11.62 -13.87
C ARG B 331 -15.84 -11.28 -12.90
N ILE B 332 -15.45 -12.25 -12.08
CA ILE B 332 -14.36 -12.12 -11.08
C ILE B 332 -13.15 -12.87 -11.64
N TRP B 333 -12.05 -12.15 -11.82
CA TRP B 333 -10.84 -12.68 -12.49
C TRP B 333 -9.66 -12.74 -11.53
N LYS B 334 -8.81 -13.75 -11.69
CA LYS B 334 -7.53 -13.92 -10.96
C LYS B 334 -6.41 -14.00 -11.99
N ALA B 335 -5.29 -13.31 -11.73
CA ALA B 335 -4.06 -13.42 -12.54
C ALA B 335 -3.26 -14.63 -12.08
C1 EDO C . 25.44 -2.95 -16.66
O1 EDO C . 26.04 -3.69 -17.69
C2 EDO C . 26.01 -3.24 -15.33
O2 EDO C . 26.09 -4.63 -15.07
UNK UNX D . 3.59 6.01 -5.15
UNK UNX E . 8.19 -7.73 14.14
UNK UNX F . 11.19 14.78 14.67
UNK UNX G . 1.75 1.96 -6.28
C1 EDO H . -10.02 23.18 -21.83
O1 EDO H . -9.74 23.94 -20.68
C2 EDO H . -11.41 22.68 -21.83
O2 EDO H . -11.79 22.17 -20.58
UNK UNX I . -17.39 1.86 -29.31
#